data_7R37
#
_entry.id   7R37
#
_cell.length_a   112.531
_cell.length_b   112.531
_cell.length_c   122.831
_cell.angle_alpha   90.000
_cell.angle_beta   90.000
_cell.angle_gamma   90.000
#
_symmetry.space_group_name_H-M   'P 42 21 2'
#
loop_
_entity.id
_entity.type
_entity.pdbx_description
1 polymer Adenosylhomocysteinase
2 non-polymer NICOTINAMIDE-ADENINE-DINUCLEOTIDE
3 non-polymer INOSINE
4 water water
#
_entity_poly.entity_id   1
_entity_poly.type   'polypeptide(L)'
_entity_poly.pdbx_seq_one_letter_code
;MGSSHHHHHHSSGLVPRGSHMDCGKDYCVKDLSLAEEGWKKIDWVSRFMPVLQYIKREFEEKKPFKGVRIAATLHLEMKT
AFLLLTLKAGGAEVSAAASNPLSTQDDVVAALAKAGVKVYAIRGESREQYYEFMHKALDIRPNIIIDDGADMISLVHKER
QEMLDEIWGGSEETTTGVIRLRAMEKAGILKFPVIAVNDSYMKYLFDNRYGTGQSTWDGIMRATNLLIAGKNVVVVGYGW
CGRGIAMRARGLGATVIVVEVDPIKALEARMDGFLVMDMKEAAKIGDIFVTATGNIKCIRREHFELMKDGAIMANAGHFD
VEIWKPDLEKLAVEINNPRPNVTEYKLKDGRRLYLLADGRLVNLVAADGHPAEIMDMSFALQAKAAEYIKDNHERLEPKV
YILPREIDEMVARIKLESMGIKIEELTEEQKKYLESWEHGT
;
_entity_poly.pdbx_strand_id   A,B
#
loop_
_chem_comp.id
_chem_comp.type
_chem_comp.name
_chem_comp.formula
NAD non-polymer NICOTINAMIDE-ADENINE-DINUCLEOTIDE 'C21 H27 N7 O14 P2'
NOS non-polymer INOSINE 'C10 H12 N4 O5'
#
# COMPACT_ATOMS: atom_id res chain seq x y z
N MET A 21 6.87 29.68 -2.80
CA MET A 21 7.19 30.74 -3.75
C MET A 21 6.02 31.73 -3.92
N ASP A 22 4.79 31.21 -3.86
CA ASP A 22 3.57 32.02 -3.88
C ASP A 22 3.21 32.33 -2.43
N CYS A 23 3.85 33.37 -1.91
CA CYS A 23 3.88 33.65 -0.48
C CYS A 23 3.43 35.08 -0.25
N GLY A 24 2.34 35.25 0.50
CA GLY A 24 1.84 36.58 0.81
C GLY A 24 1.20 36.69 2.18
N LYS A 25 0.43 37.77 2.38
CA LYS A 25 -0.23 37.98 3.66
C LYS A 25 -1.21 36.86 3.97
N ASP A 26 -1.95 36.40 2.97
CA ASP A 26 -3.07 35.49 3.16
C ASP A 26 -2.72 34.01 3.03
N TYR A 27 -1.52 33.67 2.58
CA TYR A 27 -1.12 32.27 2.46
C TYR A 27 0.36 32.21 2.10
N CYS A 28 0.95 31.02 2.28
CA CYS A 28 2.30 30.74 1.78
C CYS A 28 2.35 29.28 1.35
N VAL A 29 2.47 29.06 0.03
CA VAL A 29 2.41 27.72 -0.55
C VAL A 29 3.54 27.58 -1.57
N LYS A 30 3.78 26.33 -1.98
CA LYS A 30 4.85 26.03 -2.91
C LYS A 30 4.54 26.57 -4.32
N ASP A 31 3.32 26.34 -4.80
CA ASP A 31 2.98 26.62 -6.20
C ASP A 31 1.45 26.67 -6.33
N LEU A 32 0.90 27.87 -6.51
CA LEU A 32 -0.53 28.03 -6.75
C LEU A 32 -1.02 27.25 -7.96
N SER A 33 -0.16 27.02 -8.96
CA SER A 33 -0.63 26.33 -10.15
C SER A 33 -0.87 24.83 -9.93
N LEU A 34 -0.54 24.29 -8.74
CA LEU A 34 -0.87 22.89 -8.43
C LEU A 34 -2.32 22.72 -7.96
N ALA A 35 -3.10 23.81 -7.93
CA ALA A 35 -4.39 23.77 -7.26
C ALA A 35 -5.38 22.85 -7.96
N GLU A 36 -5.31 22.76 -9.29
CA GLU A 36 -6.28 21.96 -10.03
C GLU A 36 -6.22 20.49 -9.61
N GLU A 37 -5.02 19.94 -9.40
CA GLU A 37 -4.90 18.57 -8.96
C GLU A 37 -5.30 18.42 -7.49
N GLY A 38 -5.05 19.44 -6.66
CA GLY A 38 -5.50 19.40 -5.29
C GLY A 38 -7.01 19.32 -5.18
N TRP A 39 -7.71 20.11 -6.00
CA TRP A 39 -9.18 20.09 -6.00
C TRP A 39 -9.70 18.71 -6.33
N LYS A 40 -9.04 18.00 -7.25
CA LYS A 40 -9.46 16.65 -7.59
C LYS A 40 -9.28 15.69 -6.42
N LYS A 41 -8.18 15.85 -5.67
CA LYS A 41 -7.97 15.00 -4.51
C LYS A 41 -9.02 15.26 -3.44
N ILE A 42 -9.36 16.53 -3.23
CA ILE A 42 -10.35 16.89 -2.21
C ILE A 42 -11.72 16.38 -2.64
N ASP A 43 -12.07 16.55 -3.92
CA ASP A 43 -13.35 16.07 -4.40
C ASP A 43 -13.46 14.55 -4.32
N TRP A 44 -12.37 13.83 -4.62
CA TRP A 44 -12.41 12.37 -4.60
C TRP A 44 -12.70 11.83 -3.20
N VAL A 45 -11.91 12.23 -2.20
CA VAL A 45 -12.09 11.63 -0.87
C VAL A 45 -13.41 12.07 -0.27
N SER A 46 -13.86 13.29 -0.56
CA SER A 46 -15.14 13.75 -0.04
C SER A 46 -16.30 12.92 -0.54
N ARG A 47 -16.13 12.18 -1.64
CA ARG A 47 -17.17 11.25 -2.09
C ARG A 47 -17.37 10.11 -1.11
N PHE A 48 -16.41 9.89 -0.22
CA PHE A 48 -16.41 8.74 0.67
C PHE A 48 -16.35 9.19 2.13
N MET A 49 -16.79 10.41 2.43
CA MET A 49 -16.90 10.88 3.81
C MET A 49 -18.32 11.32 4.09
N PRO A 50 -19.25 10.36 4.24
CA PRO A 50 -20.67 10.71 4.40
C PRO A 50 -21.01 11.39 5.71
N VAL A 51 -20.31 11.08 6.81
CA VAL A 51 -20.64 11.73 8.08
C VAL A 51 -20.31 13.22 8.03
N LEU A 52 -19.13 13.56 7.50
CA LEU A 52 -18.76 14.96 7.37
C LEU A 52 -19.60 15.66 6.30
N GLN A 53 -20.05 14.94 5.28
CA GLN A 53 -20.98 15.52 4.32
C GLN A 53 -22.30 15.89 5.00
N TYR A 54 -22.83 14.97 5.82
CA TYR A 54 -24.05 15.22 6.58
C TYR A 54 -23.92 16.48 7.41
N ILE A 55 -22.80 16.62 8.12
CA ILE A 55 -22.58 17.78 8.98
C ILE A 55 -22.42 19.04 8.12
N LYS A 56 -21.76 18.92 6.96
CA LYS A 56 -21.56 20.07 6.09
C LYS A 56 -22.89 20.61 5.58
N ARG A 57 -23.80 19.73 5.16
CA ARG A 57 -25.15 20.15 4.77
C ARG A 57 -25.83 20.97 5.87
N GLU A 58 -25.65 20.57 7.14
CA GLU A 58 -26.20 21.37 8.25
C GLU A 58 -25.48 22.70 8.39
N PHE A 59 -24.14 22.69 8.33
CA PHE A 59 -23.38 23.92 8.48
C PHE A 59 -23.76 24.94 7.42
N GLU A 60 -24.07 24.48 6.20
CA GLU A 60 -24.43 25.41 5.13
C GLU A 60 -25.82 26.01 5.34
N GLU A 61 -26.72 25.30 6.03
CA GLU A 61 -28.06 25.86 6.26
C GLU A 61 -28.11 26.78 7.47
N LYS A 62 -27.32 26.50 8.51
CA LYS A 62 -27.39 27.24 9.76
C LYS A 62 -26.23 28.21 9.96
N LYS A 63 -25.15 28.08 9.17
CA LYS A 63 -23.96 28.92 9.27
C LYS A 63 -23.58 29.15 10.74
N PRO A 64 -23.41 28.11 11.54
CA PRO A 64 -23.14 28.31 12.97
C PRO A 64 -21.82 29.04 13.25
N PHE A 65 -20.93 29.19 12.27
CA PHE A 65 -19.61 29.78 12.50
C PHE A 65 -19.46 31.15 11.86
N LYS A 66 -20.53 31.73 11.33
CA LYS A 66 -20.55 33.13 10.93
C LYS A 66 -19.88 34.01 11.99
N GLY A 67 -18.92 34.83 11.55
CA GLY A 67 -18.15 35.69 12.43
C GLY A 67 -17.06 34.99 13.23
N VAL A 68 -16.98 33.66 13.22
CA VAL A 68 -16.02 32.93 14.04
C VAL A 68 -14.72 32.72 13.28
N ARG A 69 -13.60 32.84 13.98
CA ARG A 69 -12.30 32.62 13.37
C ARG A 69 -11.65 31.38 13.99
N ILE A 70 -11.07 30.54 13.13
CA ILE A 70 -10.58 29.22 13.50
C ILE A 70 -9.17 29.07 12.95
N ALA A 71 -8.23 28.71 13.82
CA ALA A 71 -6.87 28.37 13.42
C ALA A 71 -6.65 26.88 13.63
N ALA A 72 -6.10 26.19 12.61
CA ALA A 72 -5.95 24.74 12.64
C ALA A 72 -4.51 24.33 12.34
N THR A 73 -4.01 23.37 13.11
CA THR A 73 -2.75 22.69 12.86
C THR A 73 -3.07 21.21 12.66
N LEU A 74 -3.06 20.76 11.41
CA LEU A 74 -3.43 19.39 11.06
C LEU A 74 -2.50 18.92 9.97
N HIS A 75 -2.52 17.62 9.68
CA HIS A 75 -1.73 17.13 8.55
C HIS A 75 -2.45 17.54 7.26
N LEU A 76 -1.77 18.35 6.45
CA LEU A 76 -2.45 19.07 5.37
C LEU A 76 -2.48 18.22 4.10
N GLU A 77 -3.37 17.23 4.11
CA GLU A 77 -3.72 16.47 2.92
C GLU A 77 -5.24 16.65 2.66
N MET A 78 -5.78 15.86 1.73
CA MET A 78 -7.07 16.22 1.14
C MET A 78 -8.26 15.97 2.06
N LYS A 79 -8.17 15.03 3.01
CA LYS A 79 -9.25 14.89 3.99
C LYS A 79 -9.28 16.09 4.93
N THR A 80 -8.10 16.51 5.42
CA THR A 80 -8.02 17.71 6.26
C THR A 80 -8.59 18.91 5.53
N ALA A 81 -8.25 19.07 4.25
CA ALA A 81 -8.78 20.18 3.47
C ALA A 81 -10.30 20.17 3.45
N PHE A 82 -10.91 18.97 3.36
CA PHE A 82 -12.38 18.91 3.32
C PHE A 82 -12.98 19.31 4.65
N LEU A 83 -12.32 18.95 5.76
CA LEU A 83 -12.77 19.45 7.05
C LEU A 83 -12.74 20.97 7.08
N LEU A 84 -11.60 21.55 6.67
CA LEU A 84 -11.46 23.01 6.72
C LEU A 84 -12.49 23.70 5.83
N LEU A 85 -12.74 23.17 4.63
CA LEU A 85 -13.77 23.74 3.77
C LEU A 85 -15.17 23.53 4.34
N THR A 86 -15.35 22.45 5.11
CA THR A 86 -16.60 22.26 5.83
C THR A 86 -16.78 23.33 6.88
N LEU A 87 -15.72 23.61 7.66
CA LEU A 87 -15.78 24.69 8.64
C LEU A 87 -16.02 26.02 7.94
N LYS A 88 -15.36 26.24 6.80
CA LYS A 88 -15.57 27.47 6.05
C LYS A 88 -16.98 27.54 5.50
N ALA A 89 -17.55 26.39 5.08
CA ALA A 89 -18.93 26.40 4.60
C ALA A 89 -19.93 26.67 5.72
N GLY A 90 -19.52 26.45 6.98
CA GLY A 90 -20.31 26.88 8.11
C GLY A 90 -20.12 28.33 8.46
N GLY A 91 -19.36 29.08 7.66
CA GLY A 91 -19.18 30.50 7.85
C GLY A 91 -17.90 30.90 8.57
N ALA A 92 -17.04 29.94 8.93
CA ALA A 92 -15.82 30.27 9.64
C ALA A 92 -14.79 30.92 8.72
N GLU A 93 -14.02 31.84 9.27
CA GLU A 93 -12.75 32.25 8.69
C GLU A 93 -11.67 31.32 9.22
N VAL A 94 -10.87 30.75 8.32
CA VAL A 94 -10.05 29.58 8.66
C VAL A 94 -8.60 29.86 8.28
N SER A 95 -7.69 29.61 9.21
CA SER A 95 -6.27 29.57 8.91
C SER A 95 -5.74 28.17 9.23
N ALA A 96 -4.59 27.84 8.64
CA ALA A 96 -4.04 26.49 8.78
C ALA A 96 -2.54 26.52 8.66
N ALA A 97 -1.89 25.71 9.49
CA ALA A 97 -0.46 25.43 9.42
C ALA A 97 -0.29 23.92 9.49
N ALA A 98 0.86 23.43 9.04
CA ALA A 98 1.09 21.99 9.00
C ALA A 98 1.32 21.46 10.41
N SER A 99 0.95 20.21 10.62
CA SER A 99 1.20 19.52 11.88
C SER A 99 2.49 18.71 11.85
N ASN A 100 3.03 18.45 10.67
CA ASN A 100 4.30 17.82 10.48
C ASN A 100 4.88 18.44 9.22
N PRO A 101 6.15 18.86 9.25
CA PRO A 101 6.75 19.48 8.05
C PRO A 101 6.67 18.61 6.80
N LEU A 102 6.59 17.29 6.94
CA LEU A 102 6.69 16.39 5.80
C LEU A 102 5.39 15.73 5.40
N SER A 103 4.27 15.98 6.10
CA SER A 103 2.98 15.39 5.73
C SER A 103 2.16 16.29 4.80
N THR A 104 2.62 17.50 4.55
CA THR A 104 1.88 18.45 3.72
C THR A 104 1.89 17.97 2.27
N GLN A 105 0.75 18.07 1.62
CA GLN A 105 0.64 17.76 0.21
C GLN A 105 0.45 19.09 -0.50
N ASP A 106 1.46 19.47 -1.30
CA ASP A 106 1.55 20.82 -1.83
C ASP A 106 0.36 21.15 -2.73
N ASP A 107 -0.10 20.19 -3.55
CA ASP A 107 -1.21 20.50 -4.45
C ASP A 107 -2.50 20.74 -3.69
N VAL A 108 -2.74 20.00 -2.62
CA VAL A 108 -3.94 20.21 -1.80
C VAL A 108 -3.87 21.59 -1.14
N VAL A 109 -2.70 21.97 -0.69
CA VAL A 109 -2.55 23.24 0.01
C VAL A 109 -2.77 24.41 -0.95
N ALA A 110 -2.27 24.27 -2.18
CA ALA A 110 -2.57 25.25 -3.22
C ALA A 110 -4.07 25.41 -3.40
N ALA A 111 -4.82 24.30 -3.41
CA ALA A 111 -6.27 24.39 -3.57
C ALA A 111 -6.91 25.10 -2.39
N LEU A 112 -6.38 24.92 -1.17
CA LEU A 112 -6.95 25.59 -0.01
C LEU A 112 -6.75 27.10 -0.10
N ALA A 113 -5.57 27.53 -0.57
CA ALA A 113 -5.33 28.96 -0.74
C ALA A 113 -6.29 29.58 -1.77
N LYS A 114 -6.54 28.88 -2.89
CA LYS A 114 -7.49 29.37 -3.88
C LYS A 114 -8.91 29.43 -3.35
N ALA A 115 -9.22 28.67 -2.29
CA ALA A 115 -10.55 28.67 -1.70
C ALA A 115 -10.74 29.76 -0.64
N GLY A 116 -9.68 30.43 -0.20
CA GLY A 116 -9.78 31.45 0.82
C GLY A 116 -9.37 31.01 2.20
N VAL A 117 -8.87 29.79 2.36
CA VAL A 117 -8.26 29.34 3.61
C VAL A 117 -6.87 29.95 3.72
N LYS A 118 -6.57 30.57 4.85
CA LYS A 118 -5.24 31.17 5.05
C LYS A 118 -4.29 30.07 5.50
N VAL A 119 -3.71 29.37 4.55
CA VAL A 119 -2.89 28.19 4.82
C VAL A 119 -1.42 28.54 4.58
N TYR A 120 -0.58 28.20 5.55
CA TYR A 120 0.85 28.46 5.49
C TYR A 120 1.57 27.12 5.66
N ALA A 121 1.97 26.52 4.54
CA ALA A 121 2.59 25.20 4.55
C ALA A 121 3.28 24.89 3.23
N ILE A 122 4.54 24.47 3.32
CA ILE A 122 5.28 23.94 2.19
C ILE A 122 5.85 22.61 2.62
N ARG A 123 5.64 21.57 1.82
CA ARG A 123 6.20 20.27 2.15
C ARG A 123 7.71 20.36 2.24
N GLY A 124 8.27 19.77 3.29
CA GLY A 124 9.70 19.78 3.49
C GLY A 124 10.21 21.01 4.22
N GLU A 125 9.31 21.87 4.69
CA GLU A 125 9.58 22.94 5.64
C GLU A 125 10.71 22.66 6.63
N SER A 126 11.51 23.68 6.91
CA SER A 126 12.43 23.62 8.03
C SER A 126 11.67 23.71 9.35
N ARG A 127 12.35 23.33 10.43
CA ARG A 127 11.76 23.49 11.76
C ARG A 127 11.39 24.94 12.03
N GLU A 128 12.21 25.88 11.54
CA GLU A 128 11.94 27.28 11.81
C GLU A 128 10.76 27.79 10.99
N GLN A 129 10.66 27.33 9.74
CA GLN A 129 9.51 27.70 8.91
C GLN A 129 8.22 27.13 9.48
N TYR A 130 8.30 25.90 10.00
CA TYR A 130 7.18 25.27 10.69
C TYR A 130 6.60 26.20 11.75
N TYR A 131 7.46 26.83 12.53
CA TYR A 131 6.99 27.73 13.57
C TYR A 131 6.64 29.11 13.04
N GLU A 132 7.36 29.58 12.02
CA GLU A 132 6.99 30.86 11.39
C GLU A 132 5.61 30.75 10.74
N PHE A 133 5.31 29.61 10.10
CA PHE A 133 4.00 29.43 9.50
C PHE A 133 2.93 29.24 10.57
N MET A 134 3.24 28.50 11.63
CA MET A 134 2.30 28.34 12.73
C MET A 134 1.93 29.71 13.33
N HIS A 135 2.90 30.60 13.47
CA HIS A 135 2.64 31.97 13.92
C HIS A 135 1.76 32.75 12.92
N LYS A 136 1.96 32.51 11.62
CA LYS A 136 1.15 33.23 10.64
C LYS A 136 -0.31 32.81 10.70
N ALA A 137 -0.56 31.51 10.89
CA ALA A 137 -1.93 31.05 11.07
C ALA A 137 -2.53 31.61 12.34
N LEU A 138 -1.70 31.86 13.36
CA LEU A 138 -2.20 32.42 14.60
C LEU A 138 -2.58 33.89 14.42
N ASP A 139 -2.00 34.58 13.45
CA ASP A 139 -2.29 36.00 13.24
C ASP A 139 -3.77 36.26 12.99
N ILE A 140 -4.53 35.23 12.62
CA ILE A 140 -5.96 35.38 12.39
C ILE A 140 -6.70 35.80 13.65
N ARG A 141 -6.08 35.63 14.84
CA ARG A 141 -6.64 35.81 16.17
C ARG A 141 -7.83 34.87 16.33
N PRO A 142 -7.58 33.57 16.48
CA PRO A 142 -8.67 32.60 16.45
C PRO A 142 -9.50 32.60 17.73
N ASN A 143 -10.80 32.35 17.57
CA ASN A 143 -11.62 31.99 18.72
C ASN A 143 -11.46 30.52 19.07
N ILE A 144 -11.21 29.68 18.08
CA ILE A 144 -11.09 28.24 18.26
C ILE A 144 -9.77 27.80 17.65
N ILE A 145 -9.02 26.98 18.38
CA ILE A 145 -7.80 26.36 17.88
C ILE A 145 -8.06 24.86 17.70
N ILE A 146 -7.80 24.36 16.50
CA ILE A 146 -7.90 22.93 16.19
C ILE A 146 -6.48 22.40 16.02
N ASP A 147 -6.10 21.45 16.85
CA ASP A 147 -4.69 21.10 16.94
C ASP A 147 -4.48 19.60 16.91
N ASP A 148 -3.31 19.21 16.42
CA ASP A 148 -2.91 17.81 16.25
C ASP A 148 -1.46 17.72 16.74
N GLY A 149 -1.28 17.32 17.99
CA GLY A 149 0.03 17.26 18.61
C GLY A 149 0.27 18.31 19.67
N ALA A 150 -0.62 19.31 19.77
CA ALA A 150 -0.61 20.37 20.78
C ALA A 150 0.49 21.40 20.60
N ASP A 151 1.16 21.47 19.44
CA ASP A 151 2.17 22.52 19.26
C ASP A 151 1.53 23.91 19.26
N MET A 152 0.40 24.08 18.58
CA MET A 152 -0.20 25.40 18.47
C MET A 152 -0.72 25.89 19.82
N ILE A 153 -1.35 24.99 20.60
CA ILE A 153 -1.83 25.38 21.93
C ILE A 153 -0.65 25.70 22.84
N SER A 154 0.43 24.91 22.74
CA SER A 154 1.65 25.19 23.49
C SER A 154 2.27 26.52 23.04
N LEU A 155 2.28 26.78 21.73
CA LEU A 155 2.87 28.02 21.22
C LEU A 155 2.11 29.25 21.70
N VAL A 156 0.77 29.18 21.72
CA VAL A 156 -0.04 30.31 22.17
C VAL A 156 0.28 30.65 23.61
N HIS A 157 0.42 29.64 24.47
CA HIS A 157 0.69 29.89 25.88
C HIS A 157 2.10 30.44 26.09
N LYS A 158 3.05 30.04 25.25
CA LYS A 158 4.46 30.34 25.47
C LYS A 158 4.90 31.60 24.74
N GLU A 159 4.39 31.87 23.53
CA GLU A 159 4.86 32.99 22.73
C GLU A 159 3.78 33.96 22.25
N ARG A 160 2.50 33.68 22.46
CA ARG A 160 1.43 34.55 21.96
C ARG A 160 0.37 34.75 23.03
N GLN A 161 0.80 35.14 24.23
CA GLN A 161 -0.14 35.34 25.32
C GLN A 161 -1.07 36.53 25.09
N GLU A 162 -0.73 37.42 24.16
CA GLU A 162 -1.56 38.58 23.91
C GLU A 162 -2.93 38.23 23.32
N MET A 163 -3.22 36.96 23.03
CA MET A 163 -4.50 36.63 22.45
C MET A 163 -5.25 35.52 23.19
N LEU A 164 -4.91 35.25 24.46
CA LEU A 164 -5.56 34.14 25.12
C LEU A 164 -7.02 34.45 25.43
N ASP A 165 -7.31 35.67 25.87
CA ASP A 165 -8.69 36.01 26.20
C ASP A 165 -9.61 36.00 24.98
N GLU A 166 -9.05 36.11 23.78
CA GLU A 166 -9.82 35.95 22.56
C GLU A 166 -10.17 34.50 22.24
N ILE A 167 -9.42 33.55 22.78
CA ILE A 167 -9.56 32.14 22.45
C ILE A 167 -10.63 31.52 23.35
N TRP A 168 -11.73 31.06 22.75
CA TRP A 168 -12.77 30.35 23.49
C TRP A 168 -12.29 28.98 23.94
N GLY A 169 -11.55 28.29 23.09
CA GLY A 169 -11.10 26.95 23.45
C GLY A 169 -10.40 26.29 22.29
N GLY A 170 -9.88 25.10 22.58
CA GLY A 170 -9.17 24.31 21.60
C GLY A 170 -9.61 22.86 21.60
N SER A 171 -9.17 22.15 20.58
CA SER A 171 -9.38 20.71 20.53
C SER A 171 -8.09 20.04 20.07
N GLU A 172 -7.90 18.80 20.51
CA GLU A 172 -6.65 18.10 20.26
C GLU A 172 -6.96 16.73 19.68
N GLU A 173 -6.32 16.43 18.56
CA GLU A 173 -6.67 15.31 17.69
C GLU A 173 -6.04 13.99 18.10
N THR A 174 -4.86 14.01 18.74
CA THR A 174 -4.05 12.81 18.86
C THR A 174 -3.59 12.59 20.31
N THR A 175 -3.16 11.36 20.58
CA THR A 175 -2.82 10.94 21.96
C THR A 175 -1.67 11.76 22.53
N THR A 176 -0.61 11.92 21.75
CA THR A 176 0.56 12.64 22.23
C THR A 176 0.22 14.09 22.61
N GLY A 177 -0.69 14.73 21.87
CA GLY A 177 -1.10 16.08 22.23
C GLY A 177 -1.96 16.12 23.48
N VAL A 178 -2.82 15.11 23.68
CA VAL A 178 -3.67 15.05 24.87
C VAL A 178 -2.83 14.86 26.13
N ILE A 179 -1.75 14.06 26.03
CA ILE A 179 -0.85 13.89 27.16
C ILE A 179 -0.17 15.22 27.50
N ARG A 180 0.27 15.97 26.48
CA ARG A 180 0.89 17.27 26.73
C ARG A 180 -0.09 18.25 27.37
N LEU A 181 -1.34 18.26 26.90
CA LEU A 181 -2.32 19.20 27.42
C LEU A 181 -2.67 18.87 28.86
N ARG A 182 -2.77 17.58 29.19
CA ARG A 182 -3.10 17.19 30.56
C ARG A 182 -1.96 17.54 31.52
N ALA A 183 -0.71 17.42 31.08
CA ALA A 183 0.41 17.87 31.91
C ALA A 183 0.38 19.39 32.10
N MET A 184 -0.11 20.12 31.08
CA MET A 184 -0.28 21.56 31.18
C MET A 184 -1.33 21.91 32.21
N GLU A 185 -2.44 21.16 32.21
CA GLU A 185 -3.48 21.32 33.22
C GLU A 185 -2.94 21.03 34.61
N LYS A 186 -2.20 19.92 34.75
CA LYS A 186 -1.62 19.56 36.05
C LYS A 186 -0.67 20.65 36.56
N ALA A 187 0.03 21.33 35.67
CA ALA A 187 0.94 22.40 36.08
C ALA A 187 0.23 23.74 36.28
N GLY A 188 -1.08 23.81 36.00
CA GLY A 188 -1.86 25.01 36.22
C GLY A 188 -1.69 26.10 35.20
N ILE A 189 -1.04 25.81 34.08
CA ILE A 189 -0.70 26.86 33.13
C ILE A 189 -1.51 26.79 31.83
N LEU A 190 -2.33 25.76 31.64
CA LEU A 190 -3.40 25.80 30.65
C LEU A 190 -4.40 26.91 31.00
N LYS A 191 -4.74 27.74 30.01
CA LYS A 191 -5.51 28.97 30.21
C LYS A 191 -6.86 29.00 29.49
N PHE A 192 -7.23 27.96 28.76
CA PHE A 192 -8.56 27.88 28.16
C PHE A 192 -8.95 26.41 28.07
N PRO A 193 -10.25 26.11 27.93
CA PRO A 193 -10.68 24.71 27.81
C PRO A 193 -10.24 24.06 26.51
N VAL A 194 -9.87 22.78 26.59
CA VAL A 194 -9.53 21.99 25.40
C VAL A 194 -10.37 20.71 25.39
N ILE A 195 -10.82 20.31 24.20
CA ILE A 195 -11.53 19.06 24.01
C ILE A 195 -10.53 18.01 23.56
N ALA A 196 -10.51 16.86 24.26
CA ALA A 196 -9.63 15.74 23.89
C ALA A 196 -10.38 14.86 22.88
N VAL A 197 -10.40 15.34 21.63
CA VAL A 197 -11.08 14.60 20.56
C VAL A 197 -10.53 13.18 20.46
N ASN A 198 -9.23 13.00 20.69
CA ASN A 198 -8.64 11.66 20.65
C ASN A 198 -9.32 10.69 21.62
N ASP A 199 -9.88 11.20 22.72
CA ASP A 199 -10.43 10.34 23.77
C ASP A 199 -11.86 9.89 23.50
N SER A 200 -12.45 10.26 22.38
CA SER A 200 -13.79 9.81 22.04
C SER A 200 -13.74 8.39 21.46
N TYR A 201 -14.76 7.60 21.80
CA TYR A 201 -14.87 6.23 21.33
C TYR A 201 -14.75 6.15 19.82
N MET A 202 -15.51 6.99 19.11
CA MET A 202 -15.48 6.95 17.66
C MET A 202 -14.14 7.44 17.10
N LYS A 203 -13.23 7.89 17.96
CA LYS A 203 -11.89 8.29 17.53
C LYS A 203 -10.90 7.15 17.77
N TYR A 204 -10.51 6.89 19.02
CA TYR A 204 -9.38 5.99 19.25
C TYR A 204 -9.71 4.52 18.92
N LEU A 205 -10.98 4.10 18.97
CA LEU A 205 -11.32 2.73 18.60
C LEU A 205 -11.29 2.52 17.09
N PHE A 206 -11.29 3.60 16.29
CA PHE A 206 -11.36 3.44 14.85
C PHE A 206 -10.16 4.06 14.16
N ASP A 207 -9.94 5.37 14.35
CA ASP A 207 -8.76 6.06 13.85
C ASP A 207 -7.48 5.39 14.36
N ASN A 208 -7.25 5.42 15.67
CA ASN A 208 -5.97 4.92 16.19
C ASN A 208 -5.75 3.45 15.84
N ARG A 209 -6.81 2.63 15.90
CA ARG A 209 -6.65 1.18 15.73
C ARG A 209 -6.74 0.77 14.26
N TYR A 210 -7.91 0.95 13.65
CA TYR A 210 -8.11 0.51 12.27
C TYR A 210 -7.43 1.42 11.26
N GLY A 211 -7.45 2.74 11.49
CA GLY A 211 -6.82 3.65 10.54
C GLY A 211 -5.32 3.45 10.47
N THR A 212 -4.67 3.41 11.63
CA THR A 212 -3.22 3.26 11.66
C THR A 212 -2.80 1.87 11.22
N GLY A 213 -3.63 0.87 11.52
CA GLY A 213 -3.31 -0.48 11.09
C GLY A 213 -3.17 -0.56 9.58
N GLN A 214 -4.14 0.00 8.86
CA GLN A 214 -4.08 -0.03 7.41
C GLN A 214 -2.97 0.88 6.87
N SER A 215 -2.97 2.15 7.29
CA SER A 215 -2.16 3.15 6.60
C SER A 215 -0.67 3.07 6.95
N THR A 216 -0.32 2.49 8.10
CA THR A 216 1.10 2.24 8.38
C THR A 216 1.70 1.28 7.35
N TRP A 217 1.01 0.16 7.08
CA TRP A 217 1.51 -0.81 6.10
C TRP A 217 1.39 -0.29 4.67
N ASP A 218 0.37 0.50 4.38
CA ASP A 218 0.31 1.23 3.12
C ASP A 218 1.61 2.00 2.90
N GLY A 219 1.99 2.82 3.89
CA GLY A 219 3.19 3.64 3.75
C GLY A 219 4.47 2.83 3.62
N ILE A 220 4.58 1.73 4.38
CA ILE A 220 5.80 0.93 4.38
C ILE A 220 5.97 0.19 3.05
N MET A 221 4.88 -0.38 2.52
CA MET A 221 4.93 -0.99 1.20
C MET A 221 5.29 0.03 0.14
N ARG A 222 4.72 1.23 0.22
CA ARG A 222 4.96 2.23 -0.81
C ARG A 222 6.40 2.71 -0.80
N ALA A 223 6.98 2.88 0.38
CA ALA A 223 8.36 3.35 0.43
C ALA A 223 9.36 2.27 0.05
N THR A 224 9.01 0.99 0.25
CA THR A 224 10.02 -0.06 0.15
C THR A 224 9.77 -1.07 -0.96
N ASN A 225 8.52 -1.34 -1.34
CA ASN A 225 8.19 -2.47 -2.23
C ASN A 225 8.69 -3.81 -1.68
N LEU A 226 8.72 -3.97 -0.36
CA LEU A 226 9.12 -5.23 0.27
C LEU A 226 7.91 -6.08 0.70
N LEU A 227 8.19 -7.36 0.95
CA LEU A 227 7.19 -8.35 1.32
C LEU A 227 6.96 -8.34 2.83
N ILE A 228 5.70 -8.30 3.23
CA ILE A 228 5.40 -8.36 4.65
C ILE A 228 5.33 -9.81 5.12
N ALA A 229 4.84 -10.71 4.28
CA ALA A 229 4.62 -12.09 4.67
C ALA A 229 5.95 -12.77 4.94
N GLY A 230 5.98 -13.61 5.98
CA GLY A 230 7.19 -14.32 6.36
C GLY A 230 8.25 -13.45 6.98
N LYS A 231 7.92 -12.21 7.35
CA LYS A 231 8.85 -11.32 8.05
C LYS A 231 8.62 -11.37 9.55
N ASN A 232 9.69 -11.12 10.29
CA ASN A 232 9.57 -10.84 11.72
C ASN A 232 9.27 -9.35 11.89
N VAL A 233 8.03 -9.03 12.22
CA VAL A 233 7.59 -7.65 12.41
C VAL A 233 7.54 -7.37 13.90
N VAL A 234 8.28 -6.36 14.35
CA VAL A 234 8.34 -6.01 15.75
C VAL A 234 7.54 -4.74 15.95
N VAL A 235 6.47 -4.82 16.74
CA VAL A 235 5.62 -3.67 17.04
C VAL A 235 5.90 -3.25 18.47
N VAL A 236 6.36 -2.02 18.64
CA VAL A 236 6.69 -1.47 19.95
C VAL A 236 5.49 -0.69 20.45
N GLY A 237 4.90 -1.16 21.55
CA GLY A 237 3.66 -0.60 22.04
C GLY A 237 2.47 -1.38 21.53
N TYR A 238 1.57 -1.74 22.45
CA TYR A 238 0.36 -2.47 22.14
C TYR A 238 -0.86 -1.70 22.63
N GLY A 239 -0.80 -0.38 22.50
CA GLY A 239 -1.97 0.43 22.75
C GLY A 239 -2.89 0.34 21.56
N TRP A 240 -3.69 1.39 21.32
CA TRP A 240 -4.65 1.31 20.23
C TRP A 240 -3.96 1.27 18.87
N CYS A 241 -2.94 2.11 18.67
CA CYS A 241 -2.22 2.11 17.40
C CYS A 241 -1.47 0.81 17.19
N GLY A 242 -0.72 0.38 18.22
CA GLY A 242 0.13 -0.78 18.07
C GLY A 242 -0.64 -2.06 17.81
N ARG A 243 -1.76 -2.24 18.51
CA ARG A 243 -2.53 -3.46 18.26
C ARG A 243 -3.19 -3.42 16.88
N GLY A 244 -3.47 -2.23 16.34
CA GLY A 244 -3.97 -2.14 14.98
C GLY A 244 -2.88 -2.43 13.96
N ILE A 245 -1.66 -1.95 14.23
CA ILE A 245 -0.53 -2.25 13.37
C ILE A 245 -0.20 -3.73 13.42
N ALA A 246 -0.28 -4.34 14.61
CA ALA A 246 0.02 -5.75 14.78
C ALA A 246 -1.02 -6.62 14.08
N MET A 247 -2.28 -6.24 14.20
CA MET A 247 -3.38 -7.00 13.60
C MET A 247 -3.26 -7.02 12.07
N ARG A 248 -2.90 -5.90 11.47
CA ARG A 248 -2.83 -5.84 10.01
C ARG A 248 -1.55 -6.48 9.49
N ALA A 249 -0.44 -6.33 10.22
CA ALA A 249 0.79 -7.06 9.87
C ALA A 249 0.53 -8.56 9.79
N ARG A 250 -0.03 -9.13 10.87
CA ARG A 250 -0.46 -10.53 10.87
C ARG A 250 -1.38 -10.82 9.69
N GLY A 251 -2.34 -9.93 9.45
CA GLY A 251 -3.19 -10.11 8.29
C GLY A 251 -2.45 -10.06 6.97
N LEU A 252 -1.27 -9.42 6.93
CA LEU A 252 -0.48 -9.41 5.70
C LEU A 252 0.54 -10.54 5.66
N GLY A 253 0.53 -11.42 6.65
CA GLY A 253 1.34 -12.63 6.63
C GLY A 253 2.57 -12.61 7.51
N ALA A 254 2.75 -11.57 8.33
CA ALA A 254 3.96 -11.45 9.12
C ALA A 254 3.85 -12.23 10.42
N THR A 255 5.01 -12.66 10.93
CA THR A 255 5.16 -13.07 12.32
C THR A 255 5.36 -11.81 13.16
N VAL A 256 4.50 -11.58 14.14
CA VAL A 256 4.46 -10.32 14.86
C VAL A 256 5.00 -10.53 16.28
N ILE A 257 5.92 -9.66 16.68
CA ILE A 257 6.48 -9.64 18.03
C ILE A 257 6.10 -8.31 18.66
N VAL A 258 5.56 -8.34 19.87
CA VAL A 258 5.09 -7.13 20.53
C VAL A 258 6.02 -6.81 21.70
N VAL A 259 6.41 -5.53 21.80
CA VAL A 259 7.20 -5.05 22.92
C VAL A 259 6.33 -4.08 23.70
N GLU A 260 6.18 -4.32 25.01
CA GLU A 260 5.35 -3.49 25.86
C GLU A 260 6.03 -3.31 27.21
N VAL A 261 5.66 -2.23 27.86
CA VAL A 261 6.03 -1.98 29.26
C VAL A 261 4.86 -2.19 30.19
N ASP A 262 3.65 -2.39 29.65
CA ASP A 262 2.46 -2.63 30.45
C ASP A 262 2.19 -4.13 30.51
N PRO A 263 2.26 -4.76 31.69
CA PRO A 263 2.06 -6.22 31.75
C PRO A 263 0.68 -6.69 31.31
N ILE A 264 -0.37 -5.91 31.57
CA ILE A 264 -1.70 -6.29 31.11
C ILE A 264 -1.77 -6.30 29.59
N LYS A 265 -1.23 -5.26 28.95
CA LYS A 265 -1.25 -5.23 27.49
C LYS A 265 -0.33 -6.29 26.88
N ALA A 266 0.78 -6.62 27.55
CA ALA A 266 1.63 -7.72 27.08
C ALA A 266 0.87 -9.04 27.09
N LEU A 267 0.12 -9.31 28.15
CA LEU A 267 -0.67 -10.53 28.19
C LEU A 267 -1.74 -10.53 27.12
N GLU A 268 -2.38 -9.37 26.89
CA GLU A 268 -3.35 -9.27 25.79
C GLU A 268 -2.71 -9.70 24.48
N ALA A 269 -1.51 -9.17 24.20
CA ALA A 269 -0.83 -9.49 22.95
C ALA A 269 -0.52 -10.98 22.84
N ARG A 270 -0.11 -11.62 23.95
CA ARG A 270 0.08 -13.07 23.94
C ARG A 270 -1.20 -13.79 23.54
N MET A 271 -2.30 -13.46 24.24
CA MET A 271 -3.59 -14.08 23.99
C MET A 271 -4.06 -13.86 22.55
N ASP A 272 -3.62 -12.78 21.92
CA ASP A 272 -3.91 -12.54 20.50
C ASP A 272 -3.00 -13.32 19.57
N GLY A 273 -2.09 -14.12 20.09
CA GLY A 273 -1.26 -14.97 19.26
C GLY A 273 0.08 -14.37 18.90
N PHE A 274 0.49 -13.30 19.56
CA PHE A 274 1.74 -12.65 19.21
C PHE A 274 2.82 -13.03 20.22
N LEU A 275 4.06 -13.09 19.72
CA LEU A 275 5.21 -13.20 20.60
C LEU A 275 5.38 -11.91 21.39
N VAL A 276 5.77 -12.04 22.65
CA VAL A 276 6.07 -10.91 23.53
C VAL A 276 7.46 -11.09 24.10
N MET A 277 8.34 -10.11 23.88
CA MET A 277 9.69 -10.09 24.42
C MET A 277 10.10 -8.64 24.59
N ASP A 278 11.26 -8.42 25.23
CA ASP A 278 11.72 -7.06 25.44
C ASP A 278 12.50 -6.56 24.22
N MET A 279 12.96 -5.32 24.29
CA MET A 279 13.38 -4.64 23.07
C MET A 279 14.73 -5.14 22.57
N LYS A 280 15.66 -5.44 23.47
CA LYS A 280 16.94 -6.02 23.05
C LYS A 280 16.74 -7.38 22.39
N GLU A 281 15.95 -8.27 23.00
CA GLU A 281 15.68 -9.56 22.38
C GLU A 281 14.99 -9.37 21.03
N ALA A 282 14.02 -8.46 20.95
CA ALA A 282 13.35 -8.24 19.67
C ALA A 282 14.30 -7.68 18.62
N ALA A 283 15.29 -6.89 19.06
CA ALA A 283 16.20 -6.24 18.11
C ALA A 283 17.08 -7.23 17.37
N LYS A 284 17.36 -8.38 17.99
CA LYS A 284 18.21 -9.37 17.33
C LYS A 284 17.49 -10.06 16.17
N ILE A 285 16.17 -10.16 16.20
CA ILE A 285 15.46 -11.01 15.25
C ILE A 285 14.52 -10.24 14.33
N GLY A 286 14.10 -9.03 14.67
CA GLY A 286 13.15 -8.32 13.83
C GLY A 286 13.71 -8.04 12.44
N ASP A 287 12.81 -8.10 11.45
CA ASP A 287 13.10 -7.64 10.09
C ASP A 287 12.55 -6.24 9.87
N ILE A 288 11.40 -5.93 10.46
CA ILE A 288 10.72 -4.65 10.33
C ILE A 288 10.30 -4.20 11.73
N PHE A 289 10.72 -2.99 12.12
CA PHE A 289 10.42 -2.42 13.42
C PHE A 289 9.46 -1.25 13.24
N VAL A 290 8.34 -1.27 13.95
CA VAL A 290 7.41 -0.14 13.93
C VAL A 290 7.15 0.30 15.34
N THR A 291 7.37 1.60 15.62
CA THR A 291 7.12 2.17 16.94
C THR A 291 5.77 2.87 16.99
N ALA A 292 5.04 2.64 18.07
CA ALA A 292 3.74 3.27 18.27
C ALA A 292 3.49 3.45 19.77
N THR A 293 4.47 4.04 20.46
CA THR A 293 4.42 4.22 21.89
C THR A 293 4.01 5.62 22.32
N GLY A 294 4.25 6.63 21.48
CA GLY A 294 4.14 7.99 21.97
C GLY A 294 5.21 8.40 22.96
N ASN A 295 6.28 7.63 23.07
CA ASN A 295 7.33 7.83 24.06
C ASN A 295 8.66 8.16 23.37
N ILE A 296 9.67 8.46 24.17
CA ILE A 296 10.99 8.85 23.69
C ILE A 296 11.95 7.67 23.84
N LYS A 297 12.80 7.47 22.82
CA LYS A 297 13.94 6.56 22.90
C LYS A 297 13.53 5.12 23.22
N CYS A 298 12.51 4.63 22.52
N CYS A 298 12.53 4.61 22.51
CA CYS A 298 12.16 3.23 22.64
CA CYS A 298 12.17 3.20 22.67
C CYS A 298 13.16 2.35 21.90
C CYS A 298 13.01 2.29 21.79
N ILE A 299 13.70 2.84 20.79
CA ILE A 299 14.77 2.15 20.07
C ILE A 299 15.95 3.10 20.03
N ARG A 300 17.07 2.68 20.63
CA ARG A 300 18.27 3.52 20.76
C ARG A 300 19.50 2.66 20.46
N ARG A 301 20.67 3.23 20.71
CA ARG A 301 21.97 2.69 20.30
C ARG A 301 22.14 1.18 20.44
N GLU A 302 21.92 0.63 21.65
CA GLU A 302 22.18 -0.80 21.85
C GLU A 302 21.15 -1.69 21.18
N HIS A 303 20.06 -1.12 20.66
CA HIS A 303 19.16 -1.91 19.83
C HIS A 303 19.67 -1.95 18.39
N PHE A 304 20.06 -0.78 17.86
CA PHE A 304 20.63 -0.74 16.50
C PHE A 304 21.85 -1.64 16.39
N GLU A 305 22.65 -1.73 17.46
CA GLU A 305 23.86 -2.55 17.39
C GLU A 305 23.54 -4.03 17.24
N LEU A 306 22.31 -4.46 17.54
CA LEU A 306 21.93 -5.87 17.49
C LEU A 306 21.14 -6.23 16.24
N MET A 307 20.77 -5.24 15.44
CA MET A 307 19.85 -5.44 14.34
C MET A 307 20.51 -6.17 13.17
N LYS A 308 19.72 -6.97 12.46
CA LYS A 308 20.25 -7.69 11.31
C LYS A 308 20.54 -6.70 10.17
N ASP A 309 21.44 -7.10 9.28
CA ASP A 309 21.68 -6.31 8.08
C ASP A 309 20.38 -6.17 7.30
N GLY A 310 20.10 -4.94 6.86
CA GLY A 310 18.92 -4.69 6.06
C GLY A 310 17.64 -4.49 6.84
N ALA A 311 17.71 -4.38 8.17
CA ALA A 311 16.53 -4.12 8.96
C ALA A 311 15.88 -2.80 8.55
N ILE A 312 14.56 -2.77 8.66
CA ILE A 312 13.73 -1.63 8.27
C ILE A 312 13.07 -1.09 9.52
N MET A 313 13.13 0.23 9.71
CA MET A 313 12.56 0.86 10.90
C MET A 313 11.56 1.93 10.48
N ALA A 314 10.43 1.97 11.17
CA ALA A 314 9.42 2.98 10.88
C ALA A 314 8.78 3.43 12.18
N ASN A 315 8.30 4.67 12.20
CA ASN A 315 7.66 5.23 13.38
C ASN A 315 6.25 5.65 13.01
N ALA A 316 5.29 5.25 13.84
CA ALA A 316 3.91 5.65 13.61
C ALA A 316 3.42 6.64 14.63
N GLY A 317 4.19 6.90 15.68
CA GLY A 317 3.80 7.86 16.69
C GLY A 317 3.96 9.28 16.18
N HIS A 318 3.50 10.23 16.98
CA HIS A 318 3.33 11.58 16.47
C HIS A 318 4.66 12.29 16.25
N PHE A 319 5.61 12.12 17.17
CA PHE A 319 6.91 12.79 17.09
C PHE A 319 7.99 11.80 16.74
N ASP A 320 9.04 12.28 16.04
CA ASP A 320 10.15 11.46 15.57
C ASP A 320 11.21 11.20 16.62
N VAL A 321 10.82 11.05 17.89
CA VAL A 321 11.75 10.79 18.98
C VAL A 321 11.63 9.37 19.49
N GLU A 322 10.81 8.53 18.85
CA GLU A 322 10.66 7.14 19.29
C GLU A 322 11.83 6.28 18.84
N ILE A 323 12.24 6.42 17.59
CA ILE A 323 13.51 5.89 17.12
C ILE A 323 14.53 7.00 17.26
N TRP A 324 15.58 6.78 18.05
CA TRP A 324 16.47 7.87 18.45
C TRP A 324 17.53 8.06 17.37
N LYS A 325 17.24 8.96 16.44
CA LYS A 325 18.12 9.21 15.29
C LYS A 325 19.56 9.58 15.66
N PRO A 326 19.83 10.44 16.65
CA PRO A 326 21.23 10.74 16.95
C PRO A 326 22.07 9.52 17.28
N ASP A 327 21.49 8.48 17.90
CA ASP A 327 22.24 7.25 18.11
C ASP A 327 22.56 6.57 16.78
N LEU A 328 21.63 6.60 15.82
CA LEU A 328 21.92 6.08 14.49
C LEU A 328 23.04 6.86 13.82
N GLU A 329 22.99 8.19 13.90
CA GLU A 329 23.98 9.03 13.24
C GLU A 329 25.38 8.79 13.83
N LYS A 330 25.46 8.57 15.14
CA LYS A 330 26.74 8.28 15.78
C LYS A 330 27.28 6.92 15.36
N LEU A 331 26.40 5.94 15.13
CA LEU A 331 26.86 4.59 14.77
C LEU A 331 27.34 4.52 13.33
N ALA A 332 26.84 5.39 12.46
CA ALA A 332 27.02 5.27 11.02
C ALA A 332 28.32 5.92 10.55
N VAL A 333 28.98 5.28 9.60
CA VAL A 333 30.10 5.91 8.90
C VAL A 333 29.66 6.52 7.56
N GLU A 334 28.57 6.04 6.97
CA GLU A 334 27.93 6.68 5.82
C GLU A 334 26.44 6.78 6.10
N ILE A 335 25.83 7.89 5.67
CA ILE A 335 24.40 8.08 5.67
C ILE A 335 23.98 8.36 4.23
N ASN A 336 23.19 7.46 3.66
CA ASN A 336 22.80 7.52 2.25
C ASN A 336 21.28 7.53 2.16
N ASN A 337 20.78 7.81 0.95
CA ASN A 337 19.35 7.93 0.68
C ASN A 337 19.00 7.17 -0.59
N PRO A 338 18.89 5.84 -0.50
CA PRO A 338 18.72 5.03 -1.70
C PRO A 338 17.37 5.21 -2.38
N ARG A 339 16.33 5.61 -1.66
CA ARG A 339 14.98 5.81 -2.15
C ARG A 339 14.42 7.03 -1.44
N PRO A 340 13.43 7.70 -2.03
CA PRO A 340 12.65 8.67 -1.25
C PRO A 340 12.07 7.99 -0.01
N ASN A 341 12.18 8.66 1.13
CA ASN A 341 11.68 8.18 2.42
C ASN A 341 12.42 6.97 2.92
N VAL A 342 13.62 6.71 2.42
CA VAL A 342 14.49 5.68 2.99
C VAL A 342 15.85 6.32 3.24
N THR A 343 16.23 6.40 4.50
CA THR A 343 17.57 6.81 4.90
C THR A 343 18.36 5.56 5.26
N GLU A 344 19.55 5.42 4.68
CA GLU A 344 20.42 4.30 4.96
C GLU A 344 21.54 4.72 5.89
N TYR A 345 21.67 4.04 7.03
CA TYR A 345 22.76 4.21 7.99
C TYR A 345 23.68 3.01 7.88
N LYS A 346 24.87 3.22 7.33
CA LYS A 346 25.84 2.15 7.14
C LYS A 346 26.81 2.14 8.32
N LEU A 347 26.94 0.98 8.97
CA LEU A 347 27.69 0.87 10.21
C LEU A 347 29.11 0.40 9.95
N LYS A 348 29.94 0.45 11.00
CA LYS A 348 31.37 0.14 10.85
C LYS A 348 31.58 -1.26 10.30
N ASP A 349 30.81 -2.23 10.77
CA ASP A 349 30.98 -3.61 10.32
C ASP A 349 30.34 -3.87 8.95
N GLY A 350 29.77 -2.86 8.30
CA GLY A 350 29.18 -3.01 6.99
C GLY A 350 27.68 -3.20 6.99
N ARG A 351 27.06 -3.32 8.15
CA ARG A 351 25.61 -3.47 8.22
C ARG A 351 24.94 -2.18 7.78
N ARG A 352 23.80 -2.33 7.12
CA ARG A 352 22.97 -1.21 6.68
C ARG A 352 21.61 -1.31 7.33
N LEU A 353 21.21 -0.25 8.03
CA LEU A 353 19.91 -0.15 8.66
C LEU A 353 19.14 0.97 7.98
N TYR A 354 17.87 0.74 7.70
CA TYR A 354 17.08 1.66 6.90
C TYR A 354 15.99 2.26 7.77
N LEU A 355 15.92 3.59 7.78
CA LEU A 355 14.90 4.33 8.50
C LEU A 355 13.95 4.96 7.49
N LEU A 356 12.66 4.72 7.68
CA LEU A 356 11.67 5.23 6.74
C LEU A 356 11.19 6.61 7.16
N ALA A 357 10.95 7.45 6.15
CA ALA A 357 10.23 8.71 6.35
C ALA A 357 10.95 9.61 7.35
N ASP A 358 12.27 9.45 7.44
CA ASP A 358 13.10 10.20 8.39
C ASP A 358 12.60 10.03 9.83
N GLY A 359 12.01 8.87 10.14
CA GLY A 359 11.57 8.63 11.49
C GLY A 359 10.27 9.30 11.86
N ARG A 360 9.59 9.94 10.90
CA ARG A 360 8.32 10.60 11.12
C ARG A 360 7.17 9.69 10.65
N LEU A 361 5.97 9.95 11.17
CA LEU A 361 4.77 9.14 10.93
C LEU A 361 4.77 8.57 9.52
N VAL A 362 4.95 7.25 9.41
CA VAL A 362 5.19 6.67 8.09
C VAL A 362 3.94 6.71 7.23
N ASN A 363 2.74 6.59 7.83
CA ASN A 363 1.52 6.60 7.04
C ASN A 363 1.27 7.94 6.35
N LEU A 364 1.69 9.04 6.96
CA LEU A 364 1.41 10.36 6.41
C LEU A 364 2.56 10.93 5.60
N VAL A 365 3.77 10.42 5.78
CA VAL A 365 4.93 10.91 5.04
C VAL A 365 5.26 10.01 3.85
N ALA A 366 5.11 8.70 3.99
CA ALA A 366 5.34 7.80 2.87
C ALA A 366 4.08 7.48 2.10
N ALA A 367 2.90 7.82 2.63
CA ALA A 367 1.66 7.53 1.92
C ALA A 367 0.68 8.69 2.08
N ASP A 368 -0.62 8.38 2.04
CA ASP A 368 -1.66 9.40 2.03
C ASP A 368 -2.42 9.48 3.36
N GLY A 369 -1.84 8.99 4.45
CA GLY A 369 -2.54 9.05 5.71
C GLY A 369 -3.63 7.99 5.81
N HIS A 370 -4.44 8.11 6.87
CA HIS A 370 -5.56 7.21 7.08
C HIS A 370 -6.49 7.25 5.86
N PRO A 371 -7.23 6.18 5.60
CA PRO A 371 -8.18 6.21 4.48
C PRO A 371 -9.32 7.19 4.74
N ALA A 372 -10.00 7.55 3.66
CA ALA A 372 -10.98 8.62 3.72
C ALA A 372 -12.07 8.31 4.74
N GLU A 373 -12.53 7.05 4.80
CA GLU A 373 -13.68 6.75 5.67
C GLU A 373 -13.31 6.86 7.14
N ILE A 374 -12.04 6.65 7.48
CA ILE A 374 -11.61 6.78 8.87
C ILE A 374 -11.55 8.25 9.27
N MET A 375 -10.88 9.07 8.46
CA MET A 375 -10.77 10.50 8.75
C MET A 375 -12.13 11.18 8.75
N ASP A 376 -13.07 10.68 7.95
CA ASP A 376 -14.46 11.13 8.00
C ASP A 376 -14.96 11.15 9.44
N MET A 377 -14.75 10.05 10.17
CA MET A 377 -15.31 9.90 11.51
C MET A 377 -14.54 10.74 12.52
N SER A 378 -13.21 10.74 12.44
CA SER A 378 -12.42 11.61 13.28
C SER A 378 -12.77 13.08 13.06
N PHE A 379 -12.74 13.52 11.81
CA PHE A 379 -12.93 14.94 11.53
C PHE A 379 -14.37 15.38 11.72
N ALA A 380 -15.33 14.46 11.61
CA ALA A 380 -16.69 14.74 12.05
C ALA A 380 -16.72 15.09 13.54
N LEU A 381 -16.00 14.32 14.35
CA LEU A 381 -15.91 14.65 15.77
C LEU A 381 -15.19 15.99 15.98
N GLN A 382 -14.20 16.32 15.15
CA GLN A 382 -13.53 17.62 15.25
C GLN A 382 -14.50 18.76 14.96
N ALA A 383 -15.35 18.61 13.94
CA ALA A 383 -16.34 19.64 13.64
C ALA A 383 -17.34 19.81 14.78
N LYS A 384 -17.80 18.69 15.36
CA LYS A 384 -18.70 18.79 16.50
C LYS A 384 -18.00 19.33 17.74
N ALA A 385 -16.70 19.04 17.90
CA ALA A 385 -15.93 19.65 18.99
C ALA A 385 -15.87 21.16 18.85
N ALA A 386 -15.57 21.65 17.63
CA ALA A 386 -15.54 23.09 17.41
C ALA A 386 -16.90 23.70 17.70
N GLU A 387 -17.98 23.08 17.22
CA GLU A 387 -19.31 23.55 17.56
C GLU A 387 -19.57 23.44 19.07
N TYR A 388 -18.96 22.46 19.75
CA TYR A 388 -19.15 22.31 21.19
C TYR A 388 -18.48 23.45 21.94
N ILE A 389 -17.28 23.85 21.53
CA ILE A 389 -16.57 24.96 22.17
C ILE A 389 -17.35 26.25 21.98
N LYS A 390 -17.78 26.52 20.74
CA LYS A 390 -18.60 27.70 20.46
C LYS A 390 -19.75 27.81 21.44
N ASP A 391 -20.47 26.71 21.64
CA ASP A 391 -21.71 26.72 22.42
C ASP A 391 -21.48 26.68 23.93
N ASN A 392 -20.33 26.15 24.40
CA ASN A 392 -20.16 25.89 25.84
C ASN A 392 -18.91 26.48 26.47
N HIS A 393 -18.09 27.23 25.73
CA HIS A 393 -16.80 27.69 26.26
C HIS A 393 -16.97 28.57 27.50
N GLU A 394 -18.15 29.14 27.71
CA GLU A 394 -18.38 29.97 28.89
C GLU A 394 -18.63 29.13 30.13
N ARG A 395 -19.19 27.93 29.97
CA ARG A 395 -19.46 27.01 31.07
C ARG A 395 -18.25 26.17 31.47
N LEU A 396 -17.20 26.14 30.66
CA LEU A 396 -16.07 25.26 30.88
C LEU A 396 -14.92 25.98 31.58
N GLU A 397 -14.16 25.22 32.35
CA GLU A 397 -12.96 25.67 33.03
C GLU A 397 -11.73 25.42 32.17
N PRO A 398 -10.59 26.06 32.48
CA PRO A 398 -9.34 25.74 31.77
C PRO A 398 -8.81 24.34 32.05
N LYS A 399 -9.47 23.32 31.50
CA LYS A 399 -9.21 21.91 31.77
C LYS A 399 -9.36 21.12 30.48
N VAL A 400 -9.07 19.82 30.55
CA VAL A 400 -9.18 18.90 29.41
C VAL A 400 -10.48 18.09 29.56
N TYR A 401 -11.39 18.24 28.60
CA TYR A 401 -12.70 17.60 28.64
C TYR A 401 -12.82 16.60 27.49
N ILE A 402 -13.69 15.61 27.68
CA ILE A 402 -14.05 14.65 26.64
C ILE A 402 -15.46 14.99 26.15
N LEU A 403 -15.68 14.88 24.84
CA LEU A 403 -17.00 15.11 24.27
C LEU A 403 -18.02 14.16 24.92
N PRO A 404 -19.26 14.61 25.13
CA PRO A 404 -20.30 13.70 25.65
C PRO A 404 -20.52 12.53 24.70
N ARG A 405 -20.88 11.38 25.27
CA ARG A 405 -20.98 10.16 24.48
C ARG A 405 -22.08 10.23 23.43
N GLU A 406 -23.06 11.13 23.59
CA GLU A 406 -24.10 11.26 22.58
C GLU A 406 -23.55 11.66 21.22
N ILE A 407 -22.46 12.43 21.19
CA ILE A 407 -21.86 12.82 19.93
C ILE A 407 -21.23 11.60 19.24
N ASP A 408 -20.57 10.73 20.01
CA ASP A 408 -20.07 9.47 19.48
C ASP A 408 -21.20 8.65 18.88
N GLU A 409 -22.31 8.55 19.60
CA GLU A 409 -23.43 7.74 19.15
C GLU A 409 -24.08 8.32 17.88
N MET A 410 -24.12 9.65 17.79
CA MET A 410 -24.65 10.29 16.58
C MET A 410 -23.80 9.97 15.37
N VAL A 411 -22.48 10.08 15.53
CA VAL A 411 -21.57 9.81 14.43
C VAL A 411 -21.69 8.36 13.98
N ALA A 412 -21.76 7.43 14.95
CA ALA A 412 -21.85 6.01 14.60
C ALA A 412 -23.14 5.71 13.85
N ARG A 413 -24.24 6.32 14.27
CA ARG A 413 -25.54 6.04 13.64
C ARG A 413 -25.60 6.61 12.23
N ILE A 414 -24.98 7.77 11.99
CA ILE A 414 -24.94 8.30 10.64
C ILE A 414 -24.08 7.42 9.73
N LYS A 415 -22.93 6.97 10.24
CA LYS A 415 -22.09 6.05 9.48
C LYS A 415 -22.85 4.78 9.12
N LEU A 416 -23.54 4.17 10.09
CA LEU A 416 -24.24 2.92 9.83
C LEU A 416 -25.35 3.12 8.82
N GLU A 417 -26.08 4.24 8.92
CA GLU A 417 -27.11 4.53 7.94
C GLU A 417 -26.51 4.64 6.55
N SER A 418 -25.31 5.21 6.42
CA SER A 418 -24.75 5.38 5.09
C SER A 418 -24.21 4.06 4.53
N MET A 419 -23.94 3.09 5.38
CA MET A 419 -23.59 1.76 4.94
C MET A 419 -24.80 0.87 4.66
N GLY A 420 -26.02 1.36 4.87
CA GLY A 420 -27.18 0.50 4.69
C GLY A 420 -27.35 -0.58 5.77
N ILE A 421 -26.82 -0.35 6.97
CA ILE A 421 -26.88 -1.31 8.07
C ILE A 421 -27.95 -0.87 9.06
N LYS A 422 -28.86 -1.79 9.40
CA LYS A 422 -29.89 -1.58 10.41
C LYS A 422 -29.63 -2.54 11.57
N ILE A 423 -29.63 -2.02 12.79
CA ILE A 423 -29.31 -2.83 13.97
C ILE A 423 -30.57 -3.02 14.82
N GLU A 424 -30.52 -4.05 15.67
CA GLU A 424 -31.62 -4.31 16.60
C GLU A 424 -31.79 -3.13 17.57
N GLU A 425 -33.01 -2.94 18.04
CA GLU A 425 -33.31 -1.92 19.05
C GLU A 425 -33.79 -2.61 20.31
N LEU A 426 -33.40 -2.08 21.47
CA LEU A 426 -33.84 -2.67 22.72
C LEU A 426 -35.34 -2.46 22.88
N THR A 427 -36.06 -3.52 23.23
CA THR A 427 -37.46 -3.33 23.62
C THR A 427 -37.54 -2.74 25.02
N GLU A 428 -38.71 -2.18 25.34
CA GLU A 428 -38.92 -1.62 26.66
C GLU A 428 -38.79 -2.67 27.74
N GLU A 429 -39.25 -3.90 27.46
CA GLU A 429 -39.07 -4.98 28.42
C GLU A 429 -37.60 -5.21 28.72
N GLN A 430 -36.77 -5.18 27.68
CA GLN A 430 -35.33 -5.38 27.86
C GLN A 430 -34.72 -4.25 28.66
N LYS A 431 -35.11 -3.00 28.37
CA LYS A 431 -34.59 -1.86 29.12
C LYS A 431 -34.86 -2.01 30.61
N LYS A 432 -36.10 -2.39 30.96
CA LYS A 432 -36.43 -2.66 32.36
C LYS A 432 -35.60 -3.82 32.92
N TYR A 433 -35.37 -4.86 32.12
CA TYR A 433 -34.69 -6.04 32.64
C TYR A 433 -33.25 -5.72 33.02
N LEU A 434 -32.57 -4.88 32.23
CA LEU A 434 -31.19 -4.53 32.51
C LEU A 434 -31.05 -3.53 33.66
N GLU A 435 -32.12 -2.86 34.05
CA GLU A 435 -32.06 -1.93 35.16
C GLU A 435 -32.56 -2.55 36.46
N SER A 436 -32.99 -3.80 36.40
CA SER A 436 -33.61 -4.52 37.51
C SER A 436 -32.57 -5.38 38.23
N TRP A 437 -32.98 -5.98 39.34
CA TRP A 437 -32.05 -6.79 40.13
C TRP A 437 -32.69 -7.99 40.80
N GLU A 438 -34.02 -8.11 40.74
CA GLU A 438 -34.71 -9.20 41.41
C GLU A 438 -34.87 -10.45 40.53
N HIS A 439 -34.52 -10.38 39.24
CA HIS A 439 -34.72 -11.52 38.34
C HIS A 439 -33.45 -12.36 38.30
N GLY A 440 -33.32 -13.25 39.29
CA GLY A 440 -32.28 -14.26 39.30
C GLY A 440 -32.82 -15.57 38.76
N THR A 441 -32.21 -16.67 39.19
CA THR A 441 -32.70 -17.98 38.75
C THR A 441 -33.99 -18.32 39.50
N MET B 21 11.36 10.94 -26.68
CA MET B 21 11.63 9.81 -27.55
C MET B 21 13.13 9.71 -27.91
N ASP B 22 13.87 8.86 -27.21
CA ASP B 22 15.30 8.60 -27.45
C ASP B 22 15.44 7.18 -28.01
N CYS B 23 15.46 7.08 -29.35
CA CYS B 23 15.32 5.78 -30.03
C CYS B 23 16.38 5.60 -31.10
N GLY B 24 17.40 4.80 -30.80
CA GLY B 24 18.37 4.36 -31.78
C GLY B 24 18.12 2.93 -32.25
N LYS B 25 19.13 2.37 -32.92
CA LYS B 25 19.05 0.98 -33.34
C LYS B 25 18.99 0.04 -32.14
N ASP B 26 19.60 0.45 -31.02
CA ASP B 26 19.82 -0.43 -29.89
C ASP B 26 18.78 -0.30 -28.79
N TYR B 27 17.99 0.76 -28.78
CA TYR B 27 17.00 0.94 -27.73
C TYR B 27 15.99 1.98 -28.18
N CYS B 28 14.87 2.05 -27.47
CA CYS B 28 13.87 3.10 -27.68
C CYS B 28 13.16 3.33 -26.36
N VAL B 29 13.46 4.45 -25.70
CA VAL B 29 12.98 4.76 -24.37
C VAL B 29 12.40 6.17 -24.35
N LYS B 30 11.73 6.50 -23.25
CA LYS B 30 11.14 7.82 -23.10
C LYS B 30 12.21 8.91 -22.98
N ASP B 31 13.18 8.71 -22.09
CA ASP B 31 14.06 9.81 -21.72
C ASP B 31 15.29 9.24 -21.01
N LEU B 32 16.44 9.26 -21.69
CA LEU B 32 17.63 8.63 -21.15
C LEU B 32 18.10 9.29 -19.85
N SER B 33 17.76 10.56 -19.63
CA SER B 33 18.25 11.24 -18.44
C SER B 33 17.62 10.70 -17.16
N LEU B 34 16.49 9.99 -17.25
CA LEU B 34 15.85 9.36 -16.11
C LEU B 34 16.64 8.19 -15.54
N ALA B 35 17.78 7.84 -16.16
CA ALA B 35 18.46 6.59 -15.86
C ALA B 35 18.99 6.56 -14.43
N GLU B 36 19.47 7.70 -13.95
CA GLU B 36 20.02 7.76 -12.59
C GLU B 36 19.01 7.32 -11.55
N GLU B 37 17.75 7.70 -11.73
CA GLU B 37 16.73 7.29 -10.76
C GLU B 37 16.32 5.84 -10.95
N GLY B 38 16.42 5.33 -12.18
CA GLY B 38 16.20 3.91 -12.39
C GLY B 38 17.25 3.04 -11.72
N TRP B 39 18.51 3.48 -11.76
CA TRP B 39 19.59 2.73 -11.11
C TRP B 39 19.34 2.61 -9.61
N LYS B 40 18.95 3.70 -8.96
CA LYS B 40 18.67 3.66 -7.53
C LYS B 40 17.58 2.64 -7.20
N LYS B 41 16.51 2.63 -8.00
CA LYS B 41 15.45 1.66 -7.78
C LYS B 41 15.95 0.24 -7.97
N ILE B 42 16.76 0.01 -9.02
CA ILE B 42 17.28 -1.31 -9.29
C ILE B 42 18.21 -1.74 -8.17
N ASP B 43 19.16 -0.87 -7.80
CA ASP B 43 20.07 -1.16 -6.70
C ASP B 43 19.29 -1.48 -5.42
N TRP B 44 18.21 -0.74 -5.15
CA TRP B 44 17.45 -0.94 -3.92
C TRP B 44 16.88 -2.35 -3.84
N VAL B 45 16.05 -2.74 -4.82
CA VAL B 45 15.35 -4.02 -4.71
C VAL B 45 16.32 -5.17 -4.78
N SER B 46 17.46 -4.99 -5.46
CA SER B 46 18.43 -6.06 -5.58
C SER B 46 19.04 -6.43 -4.22
N ARG B 47 19.05 -5.50 -3.27
CA ARG B 47 19.56 -5.79 -1.94
C ARG B 47 18.71 -6.82 -1.23
N PHE B 48 17.46 -6.99 -1.67
CA PHE B 48 16.49 -7.88 -1.06
C PHE B 48 16.13 -9.05 -1.96
N MET B 49 17.00 -9.40 -2.89
CA MET B 49 16.79 -10.56 -3.77
C MET B 49 17.98 -11.50 -3.62
N PRO B 50 18.02 -12.25 -2.50
CA PRO B 50 19.21 -13.09 -2.24
C PRO B 50 19.36 -14.26 -3.21
N VAL B 51 18.27 -14.92 -3.59
CA VAL B 51 18.37 -16.07 -4.48
C VAL B 51 18.97 -15.64 -5.81
N LEU B 52 18.44 -14.54 -6.38
CA LEU B 52 18.95 -14.05 -7.65
C LEU B 52 20.37 -13.52 -7.52
N GLN B 53 20.70 -12.89 -6.39
CA GLN B 53 22.09 -12.52 -6.14
C GLN B 53 23.00 -13.74 -6.18
N TYR B 54 22.60 -14.83 -5.49
CA TYR B 54 23.37 -16.07 -5.49
C TYR B 54 23.59 -16.58 -6.91
N ILE B 55 22.53 -16.56 -7.72
CA ILE B 55 22.67 -17.01 -9.10
C ILE B 55 23.56 -16.04 -9.88
N LYS B 56 23.44 -14.74 -9.62
CA LYS B 56 24.26 -13.77 -10.34
C LYS B 56 25.75 -14.01 -10.08
N ARG B 57 26.12 -14.33 -8.84
CA ARG B 57 27.50 -14.64 -8.50
C ARG B 57 28.04 -15.77 -9.37
N GLU B 58 27.28 -16.87 -9.51
CA GLU B 58 27.74 -17.99 -10.31
C GLU B 58 27.79 -17.63 -11.80
N PHE B 59 26.79 -16.88 -12.28
CA PHE B 59 26.77 -16.46 -13.68
C PHE B 59 27.99 -15.61 -14.02
N GLU B 60 28.48 -14.80 -13.08
CA GLU B 60 29.66 -13.98 -13.35
C GLU B 60 30.93 -14.80 -13.33
N GLU B 61 30.99 -15.84 -12.50
CA GLU B 61 32.19 -16.68 -12.41
C GLU B 61 32.30 -17.60 -13.62
N LYS B 62 31.19 -18.21 -14.05
CA LYS B 62 31.21 -19.25 -15.08
C LYS B 62 30.85 -18.74 -16.48
N LYS B 63 30.18 -17.59 -16.58
CA LYS B 63 29.75 -17.03 -17.84
C LYS B 63 29.06 -18.06 -18.74
N PRO B 64 27.93 -18.63 -18.31
CA PRO B 64 27.32 -19.71 -19.09
C PRO B 64 26.55 -19.24 -20.31
N PHE B 65 26.27 -17.94 -20.42
CA PHE B 65 25.51 -17.39 -21.54
C PHE B 65 26.38 -16.61 -22.51
N LYS B 66 27.69 -16.80 -22.42
CA LYS B 66 28.60 -16.17 -23.36
C LYS B 66 28.24 -16.58 -24.79
N GLY B 67 28.03 -15.57 -25.65
CA GLY B 67 27.60 -15.81 -27.01
C GLY B 67 26.13 -16.17 -27.17
N VAL B 68 25.36 -16.18 -26.10
CA VAL B 68 23.95 -16.52 -26.18
C VAL B 68 23.16 -15.24 -26.29
N ARG B 69 22.08 -15.25 -27.08
CA ARG B 69 21.23 -14.09 -27.27
C ARG B 69 19.84 -14.38 -26.69
N ILE B 70 19.36 -13.47 -25.86
CA ILE B 70 18.10 -13.66 -25.13
C ILE B 70 17.21 -12.45 -25.41
N ALA B 71 15.96 -12.72 -25.75
CA ALA B 71 14.93 -11.70 -25.92
C ALA B 71 13.84 -11.93 -24.89
N ALA B 72 13.48 -10.87 -24.15
CA ALA B 72 12.53 -10.95 -23.04
C ALA B 72 11.36 -10.01 -23.24
N THR B 73 10.17 -10.50 -22.89
CA THR B 73 8.94 -9.71 -22.81
C THR B 73 8.46 -9.85 -21.37
N LEU B 74 8.69 -8.82 -20.54
CA LEU B 74 8.36 -8.84 -19.13
C LEU B 74 7.82 -7.48 -18.72
N HIS B 75 7.32 -7.37 -17.50
CA HIS B 75 6.89 -6.08 -16.96
C HIS B 75 8.12 -5.30 -16.52
N LEU B 76 8.43 -4.22 -17.23
CA LEU B 76 9.75 -3.58 -17.12
C LEU B 76 9.77 -2.60 -15.94
N GLU B 77 9.95 -3.15 -14.74
CA GLU B 77 10.29 -2.36 -13.56
C GLU B 77 11.59 -2.91 -12.93
N MET B 78 11.87 -2.48 -11.70
CA MET B 78 13.15 -2.71 -11.02
C MET B 78 13.58 -4.17 -11.03
N LYS B 79 12.71 -5.05 -10.52
CA LYS B 79 13.10 -6.44 -10.33
C LYS B 79 13.33 -7.13 -11.67
N THR B 80 12.50 -6.82 -12.67
CA THR B 80 12.75 -7.33 -14.02
C THR B 80 14.13 -6.89 -14.52
N ALA B 81 14.50 -5.65 -14.23
CA ALA B 81 15.80 -5.13 -14.63
C ALA B 81 16.94 -5.92 -13.98
N PHE B 82 16.80 -6.26 -12.70
CA PHE B 82 17.87 -7.04 -12.06
C PHE B 82 17.99 -8.44 -12.68
N LEU B 83 16.87 -9.04 -13.08
CA LEU B 83 16.94 -10.29 -13.83
C LEU B 83 17.70 -10.09 -15.13
N LEU B 84 17.35 -9.04 -15.89
CA LEU B 84 17.98 -8.86 -17.19
C LEU B 84 19.46 -8.55 -17.05
N LEU B 85 19.84 -7.81 -16.00
CA LEU B 85 21.27 -7.55 -15.75
C LEU B 85 21.97 -8.79 -15.24
N THR B 86 21.26 -9.66 -14.50
CA THR B 86 21.84 -10.93 -14.08
C THR B 86 22.17 -11.80 -15.28
N LEU B 87 21.25 -11.90 -16.24
CA LEU B 87 21.51 -12.64 -17.47
C LEU B 87 22.68 -12.05 -18.22
N LYS B 88 22.68 -10.72 -18.39
CA LYS B 88 23.78 -10.03 -19.08
C LYS B 88 25.11 -10.24 -18.36
N ALA B 89 25.09 -10.26 -17.02
CA ALA B 89 26.32 -10.53 -16.27
C ALA B 89 26.84 -11.94 -16.51
N GLY B 90 25.97 -12.87 -16.88
CA GLY B 90 26.38 -14.20 -17.27
C GLY B 90 26.86 -14.34 -18.70
N GLY B 91 26.98 -13.23 -19.42
CA GLY B 91 27.51 -13.21 -20.77
C GLY B 91 26.48 -12.96 -21.85
N ALA B 92 25.19 -12.95 -21.50
CA ALA B 92 24.15 -12.88 -22.52
C ALA B 92 24.03 -11.49 -23.14
N GLU B 93 23.74 -11.47 -24.44
CA GLU B 93 23.22 -10.28 -25.09
C GLU B 93 21.70 -10.32 -24.94
N VAL B 94 21.14 -9.25 -24.39
CA VAL B 94 19.76 -9.25 -23.93
C VAL B 94 18.99 -8.12 -24.60
N SER B 95 17.84 -8.45 -25.16
CA SER B 95 16.87 -7.48 -25.65
C SER B 95 15.59 -7.62 -24.83
N ALA B 96 14.81 -6.54 -24.78
CA ALA B 96 13.64 -6.52 -23.89
C ALA B 96 12.57 -5.62 -24.46
N ALA B 97 11.32 -6.02 -24.20
CA ALA B 97 10.12 -5.30 -24.62
C ALA B 97 9.07 -5.42 -23.51
N ALA B 98 8.10 -4.51 -23.55
CA ALA B 98 7.09 -4.43 -22.50
C ALA B 98 6.11 -5.59 -22.58
N SER B 99 5.69 -6.10 -21.42
CA SER B 99 4.67 -7.12 -21.36
C SER B 99 3.28 -6.50 -21.26
N ASN B 100 3.19 -5.23 -20.86
CA ASN B 100 1.97 -4.48 -20.76
C ASN B 100 2.39 -3.04 -20.98
N PRO B 101 1.70 -2.30 -21.84
CA PRO B 101 2.09 -0.91 -22.09
C PRO B 101 2.15 -0.04 -20.84
N LEU B 102 1.33 -0.31 -19.83
CA LEU B 102 1.22 0.58 -18.68
C LEU B 102 1.96 0.09 -17.44
N SER B 103 2.65 -1.06 -17.52
CA SER B 103 3.49 -1.53 -16.42
C SER B 103 4.93 -1.05 -16.52
N THR B 104 5.30 -0.40 -17.62
CA THR B 104 6.67 0.05 -17.83
C THR B 104 6.97 1.25 -16.93
N GLN B 105 8.17 1.24 -16.34
CA GLN B 105 8.66 2.37 -15.54
C GLN B 105 9.79 3.02 -16.32
N ASP B 106 9.53 4.24 -16.80
CA ASP B 106 10.43 4.89 -17.77
C ASP B 106 11.83 5.11 -17.21
N ASP B 107 11.97 5.32 -15.89
CA ASP B 107 13.32 5.53 -15.38
C ASP B 107 14.12 4.22 -15.34
N VAL B 108 13.45 3.11 -15.03
CA VAL B 108 14.14 1.82 -14.99
C VAL B 108 14.63 1.42 -16.38
N VAL B 109 13.80 1.60 -17.41
CA VAL B 109 14.23 1.18 -18.73
C VAL B 109 15.33 2.12 -19.24
N ALA B 110 15.33 3.39 -18.82
CA ALA B 110 16.44 4.26 -19.16
C ALA B 110 17.76 3.71 -18.62
N ALA B 111 17.75 3.21 -17.38
CA ALA B 111 18.95 2.60 -16.83
C ALA B 111 19.35 1.34 -17.60
N LEU B 112 18.36 0.59 -18.09
CA LEU B 112 18.66 -0.65 -18.81
C LEU B 112 19.32 -0.36 -20.15
N ALA B 113 18.87 0.69 -20.85
CA ALA B 113 19.52 1.09 -22.09
C ALA B 113 20.96 1.49 -21.84
N LYS B 114 21.19 2.33 -20.83
CA LYS B 114 22.55 2.72 -20.47
C LYS B 114 23.43 1.51 -20.15
N ALA B 115 22.84 0.45 -19.61
CA ALA B 115 23.60 -0.75 -19.23
C ALA B 115 23.90 -1.68 -20.40
N GLY B 116 23.36 -1.41 -21.59
CA GLY B 116 23.58 -2.26 -22.74
C GLY B 116 22.48 -3.25 -23.06
N VAL B 117 21.33 -3.18 -22.38
CA VAL B 117 20.19 -4.03 -22.71
C VAL B 117 19.41 -3.33 -23.81
N LYS B 118 19.12 -4.07 -24.88
CA LYS B 118 18.39 -3.51 -26.02
C LYS B 118 16.90 -3.53 -25.70
N VAL B 119 16.46 -2.50 -25.00
CA VAL B 119 15.09 -2.41 -24.51
C VAL B 119 14.32 -1.39 -25.34
N TYR B 120 13.10 -1.76 -25.72
CA TYR B 120 12.25 -0.91 -26.54
C TYR B 120 10.91 -0.81 -25.81
N ALA B 121 10.72 0.31 -25.09
CA ALA B 121 9.55 0.42 -24.22
C ALA B 121 9.34 1.84 -23.72
N ILE B 122 8.09 2.32 -23.79
CA ILE B 122 7.67 3.62 -23.28
C ILE B 122 6.38 3.43 -22.52
N ARG B 123 6.31 3.96 -21.31
CA ARG B 123 5.08 3.84 -20.55
C ARG B 123 3.96 4.59 -21.27
N GLY B 124 2.81 3.92 -21.41
CA GLY B 124 1.68 4.46 -22.14
C GLY B 124 1.70 4.22 -23.64
N GLU B 125 2.66 3.45 -24.14
CA GLU B 125 2.81 3.28 -25.59
C GLU B 125 1.55 2.69 -26.21
N SER B 126 1.34 3.00 -27.49
CA SER B 126 0.17 2.51 -28.21
C SER B 126 0.30 1.02 -28.50
N ARG B 127 -0.82 0.40 -28.87
CA ARG B 127 -0.78 -1.01 -29.24
C ARG B 127 0.13 -1.24 -30.44
N GLU B 128 0.13 -0.30 -31.39
CA GLU B 128 1.02 -0.41 -32.54
C GLU B 128 2.47 -0.34 -32.12
N GLN B 129 2.81 0.55 -31.18
CA GLN B 129 4.17 0.59 -30.67
C GLN B 129 4.52 -0.67 -29.90
N TYR B 130 3.55 -1.22 -29.15
CA TYR B 130 3.78 -2.45 -28.41
C TYR B 130 4.30 -3.56 -29.31
N TYR B 131 3.71 -3.71 -30.49
CA TYR B 131 4.12 -4.79 -31.40
C TYR B 131 5.36 -4.41 -32.20
N GLU B 132 5.46 -3.15 -32.65
CA GLU B 132 6.68 -2.65 -33.26
C GLU B 132 7.89 -2.88 -32.34
N PHE B 133 7.73 -2.60 -31.05
CA PHE B 133 8.85 -2.75 -30.12
C PHE B 133 9.17 -4.21 -29.88
N MET B 134 8.14 -5.06 -29.81
CA MET B 134 8.38 -6.50 -29.70
C MET B 134 9.14 -7.03 -30.91
N HIS B 135 8.90 -6.47 -32.09
CA HIS B 135 9.67 -6.89 -33.26
C HIS B 135 11.11 -6.41 -33.16
N LYS B 136 11.32 -5.19 -32.65
CA LYS B 136 12.69 -4.70 -32.47
C LYS B 136 13.47 -5.58 -31.51
N ALA B 137 12.83 -6.01 -30.42
CA ALA B 137 13.50 -6.91 -29.48
C ALA B 137 13.86 -8.23 -30.17
N LEU B 138 12.98 -8.73 -31.03
CA LEU B 138 13.24 -9.97 -31.74
C LEU B 138 14.32 -9.82 -32.80
N ASP B 139 14.66 -8.59 -33.19
CA ASP B 139 15.72 -8.37 -34.18
C ASP B 139 17.08 -8.84 -33.70
N ILE B 140 17.23 -9.13 -32.40
CA ILE B 140 18.47 -9.68 -31.89
C ILE B 140 18.74 -11.11 -32.39
N ARG B 141 17.71 -11.79 -32.92
CA ARG B 141 17.72 -13.17 -33.38
C ARG B 141 17.98 -14.12 -32.21
N PRO B 142 17.04 -14.22 -31.27
CA PRO B 142 17.34 -14.84 -29.97
C PRO B 142 17.51 -16.35 -30.03
N ASN B 143 18.32 -16.86 -29.10
CA ASN B 143 18.42 -18.28 -28.83
C ASN B 143 17.45 -18.73 -27.75
N ILE B 144 17.15 -17.83 -26.81
CA ILE B 144 16.20 -18.08 -25.74
C ILE B 144 15.22 -16.92 -25.71
N ILE B 145 13.94 -17.24 -25.52
CA ILE B 145 12.88 -16.25 -25.38
C ILE B 145 12.28 -16.40 -23.99
N ILE B 146 12.23 -15.32 -23.24
CA ILE B 146 11.59 -15.27 -21.94
C ILE B 146 10.32 -14.45 -22.10
N ASP B 147 9.16 -15.03 -21.77
CA ASP B 147 7.90 -14.38 -22.08
C ASP B 147 7.00 -14.33 -20.85
N ASP B 148 6.15 -13.30 -20.85
CA ASP B 148 5.16 -13.06 -19.79
C ASP B 148 3.84 -12.77 -20.51
N GLY B 149 3.01 -13.79 -20.67
CA GLY B 149 1.76 -13.66 -21.39
C GLY B 149 1.72 -14.37 -22.73
N ALA B 150 2.88 -14.78 -23.25
CA ALA B 150 3.03 -15.59 -24.48
C ALA B 150 2.77 -14.80 -25.76
N ASP B 151 2.74 -13.45 -25.73
CA ASP B 151 2.66 -12.69 -26.96
C ASP B 151 3.89 -12.89 -27.84
N MET B 152 5.08 -12.79 -27.24
CA MET B 152 6.32 -12.84 -28.02
C MET B 152 6.48 -14.22 -28.67
N ILE B 153 6.25 -15.29 -27.90
CA ILE B 153 6.30 -16.63 -28.48
C ILE B 153 5.23 -16.78 -29.56
N SER B 154 4.05 -16.21 -29.31
CA SER B 154 3.01 -16.23 -30.34
C SER B 154 3.41 -15.41 -31.57
N LEU B 155 4.14 -14.31 -31.36
CA LEU B 155 4.51 -13.43 -32.47
C LEU B 155 5.56 -14.07 -33.37
N VAL B 156 6.58 -14.72 -32.79
CA VAL B 156 7.55 -15.46 -33.59
C VAL B 156 6.85 -16.51 -34.46
N HIS B 157 5.79 -17.13 -33.93
CA HIS B 157 5.14 -18.21 -34.66
C HIS B 157 4.25 -17.72 -35.79
N LYS B 158 3.83 -16.46 -35.74
CA LYS B 158 2.88 -15.88 -36.68
C LYS B 158 3.50 -14.91 -37.67
N GLU B 159 4.55 -14.19 -37.28
CA GLU B 159 5.13 -13.18 -38.16
C GLU B 159 6.63 -13.30 -38.37
N ARG B 160 7.32 -14.14 -37.61
CA ARG B 160 8.79 -14.17 -37.62
C ARG B 160 9.29 -15.60 -37.70
N GLN B 161 8.64 -16.43 -38.53
CA GLN B 161 9.03 -17.83 -38.67
C GLN B 161 10.44 -17.99 -39.22
N GLU B 162 11.03 -16.93 -39.77
CA GLU B 162 12.37 -17.01 -40.34
C GLU B 162 13.47 -17.18 -39.31
N MET B 163 13.13 -17.22 -38.01
CA MET B 163 14.15 -17.43 -36.98
C MET B 163 13.75 -18.53 -36.01
N LEU B 164 12.76 -19.36 -36.37
CA LEU B 164 12.35 -20.46 -35.50
C LEU B 164 13.48 -21.47 -35.29
N ASP B 165 14.23 -21.78 -36.35
CA ASP B 165 15.33 -22.74 -36.25
C ASP B 165 16.51 -22.24 -35.43
N GLU B 166 16.63 -20.92 -35.22
CA GLU B 166 17.65 -20.38 -34.34
C GLU B 166 17.28 -20.44 -32.87
N ILE B 167 16.01 -20.67 -32.55
CA ILE B 167 15.51 -20.54 -31.18
C ILE B 167 15.64 -21.87 -30.47
N TRP B 168 16.37 -21.87 -29.35
CA TRP B 168 16.52 -23.11 -28.58
C TRP B 168 15.22 -23.45 -27.87
N GLY B 169 14.63 -22.48 -27.20
CA GLY B 169 13.41 -22.71 -26.47
C GLY B 169 12.96 -21.41 -25.83
N GLY B 170 11.76 -21.44 -25.26
CA GLY B 170 11.21 -20.31 -24.57
C GLY B 170 10.77 -20.69 -23.16
N SER B 171 10.52 -19.66 -22.36
CA SER B 171 9.98 -19.86 -21.02
C SER B 171 8.80 -18.92 -20.82
N GLU B 172 7.75 -19.43 -20.19
CA GLU B 172 6.55 -18.64 -19.94
C GLU B 172 6.40 -18.40 -18.44
N GLU B 173 6.13 -17.14 -18.08
CA GLU B 173 6.11 -16.68 -16.70
C GLU B 173 4.75 -16.83 -16.03
N THR B 174 3.64 -16.80 -16.77
CA THR B 174 2.35 -16.58 -16.13
C THR B 174 1.30 -17.59 -16.58
N THR B 175 0.21 -17.65 -15.81
CA THR B 175 -0.82 -18.69 -16.01
C THR B 175 -1.54 -18.52 -17.34
N THR B 176 -1.84 -17.28 -17.73
CA THR B 176 -2.48 -17.05 -19.02
C THR B 176 -1.56 -17.45 -20.18
N GLY B 177 -0.26 -17.17 -20.07
CA GLY B 177 0.65 -17.55 -21.13
C GLY B 177 0.84 -19.06 -21.24
N VAL B 178 0.87 -19.76 -20.10
CA VAL B 178 0.98 -21.22 -20.15
C VAL B 178 -0.26 -21.82 -20.80
N ILE B 179 -1.44 -21.26 -20.51
CA ILE B 179 -2.66 -21.78 -21.13
C ILE B 179 -2.58 -21.64 -22.65
N ARG B 180 -2.11 -20.48 -23.14
CA ARG B 180 -2.00 -20.28 -24.59
C ARG B 180 -1.03 -21.27 -25.21
N LEU B 181 0.13 -21.48 -24.57
CA LEU B 181 1.16 -22.34 -25.15
C LEU B 181 0.77 -23.82 -25.14
N ARG B 182 0.05 -24.27 -24.11
CA ARG B 182 -0.46 -25.65 -24.16
C ARG B 182 -1.55 -25.81 -25.22
N ALA B 183 -2.29 -24.74 -25.52
CA ALA B 183 -3.25 -24.80 -26.62
C ALA B 183 -2.55 -24.82 -27.97
N MET B 184 -1.42 -24.12 -28.08
CA MET B 184 -0.58 -24.23 -29.28
C MET B 184 0.01 -25.64 -29.41
N GLU B 185 0.43 -26.24 -28.30
CA GLU B 185 0.96 -27.60 -28.39
C GLU B 185 -0.13 -28.57 -28.80
N LYS B 186 -1.32 -28.47 -28.18
CA LYS B 186 -2.42 -29.37 -28.53
C LYS B 186 -2.81 -29.22 -29.99
N ALA B 187 -2.57 -28.06 -30.59
CA ALA B 187 -2.91 -27.81 -31.99
C ALA B 187 -1.76 -28.12 -32.96
N GLY B 188 -0.58 -28.44 -32.45
CA GLY B 188 0.55 -28.76 -33.30
C GLY B 188 1.23 -27.58 -33.96
N ILE B 189 1.03 -26.36 -33.44
CA ILE B 189 1.66 -25.18 -34.02
C ILE B 189 2.91 -24.75 -33.24
N LEU B 190 3.14 -25.32 -32.06
CA LEU B 190 4.35 -25.01 -31.31
C LEU B 190 5.58 -25.63 -31.98
N LYS B 191 6.60 -24.79 -32.25
CA LYS B 191 7.74 -25.21 -33.06
C LYS B 191 9.03 -25.37 -32.26
N PHE B 192 9.05 -25.03 -30.98
CA PHE B 192 10.24 -25.17 -30.15
C PHE B 192 9.81 -25.41 -28.71
N PRO B 193 10.66 -26.01 -27.89
CA PRO B 193 10.26 -26.33 -26.50
C PRO B 193 9.99 -25.09 -25.67
N VAL B 194 9.16 -25.27 -24.64
CA VAL B 194 8.71 -24.17 -23.80
C VAL B 194 8.70 -24.63 -22.34
N ILE B 195 9.38 -23.88 -21.47
CA ILE B 195 9.39 -24.12 -20.03
C ILE B 195 8.26 -23.31 -19.40
N ALA B 196 7.34 -24.00 -18.73
CA ALA B 196 6.24 -23.36 -18.00
C ALA B 196 6.76 -23.00 -16.61
N VAL B 197 7.38 -21.83 -16.50
CA VAL B 197 7.93 -21.41 -15.22
C VAL B 197 6.80 -21.19 -14.23
N ASN B 198 5.63 -20.74 -14.70
CA ASN B 198 4.51 -20.51 -13.79
C ASN B 198 4.10 -21.79 -13.06
N ASP B 199 4.35 -22.95 -13.65
CA ASP B 199 3.91 -24.21 -13.06
C ASP B 199 4.88 -24.78 -12.03
N SER B 200 6.00 -24.11 -11.77
CA SER B 200 6.91 -24.57 -10.71
C SER B 200 6.32 -24.28 -9.34
N TYR B 201 6.60 -25.19 -8.40
CA TYR B 201 6.11 -25.02 -7.04
C TYR B 201 6.51 -23.68 -6.44
N MET B 202 7.80 -23.32 -6.58
CA MET B 202 8.32 -22.07 -6.04
C MET B 202 7.78 -20.85 -6.78
N LYS B 203 6.96 -21.05 -7.81
CA LYS B 203 6.34 -19.94 -8.51
C LYS B 203 4.87 -19.79 -8.10
N TYR B 204 3.98 -20.68 -8.55
CA TYR B 204 2.55 -20.41 -8.38
C TYR B 204 2.12 -20.43 -6.92
N LEU B 205 2.83 -21.17 -6.06
CA LEU B 205 2.50 -21.20 -4.64
C LEU B 205 2.95 -19.97 -3.89
N PHE B 206 3.84 -19.16 -4.48
CA PHE B 206 4.37 -17.97 -3.80
C PHE B 206 4.04 -16.69 -4.57
N ASP B 207 4.59 -16.49 -5.75
CA ASP B 207 4.22 -15.41 -6.67
C ASP B 207 2.70 -15.27 -6.79
N ASN B 208 2.04 -16.28 -7.37
CA ASN B 208 0.62 -16.14 -7.70
C ASN B 208 -0.24 -15.92 -6.46
N ARG B 209 0.09 -16.56 -5.35
CA ARG B 209 -0.75 -16.45 -4.15
C ARG B 209 -0.29 -15.30 -3.24
N TYR B 210 0.91 -15.42 -2.65
CA TYR B 210 1.36 -14.43 -1.67
C TYR B 210 1.73 -13.11 -2.34
N GLY B 211 2.38 -13.16 -3.50
CA GLY B 211 2.74 -11.92 -4.19
C GLY B 211 1.53 -11.10 -4.60
N THR B 212 0.59 -11.75 -5.31
CA THR B 212 -0.59 -11.06 -5.80
C THR B 212 -1.47 -10.62 -4.65
N GLY B 213 -1.55 -11.42 -3.61
CA GLY B 213 -2.35 -11.04 -2.46
C GLY B 213 -1.93 -9.72 -1.88
N GLN B 214 -0.61 -9.50 -1.73
CA GLN B 214 -0.13 -8.25 -1.17
C GLN B 214 -0.20 -7.13 -2.19
N SER B 215 0.34 -7.34 -3.40
CA SER B 215 0.51 -6.24 -4.33
C SER B 215 -0.82 -5.77 -4.93
N THR B 216 -1.83 -6.62 -4.96
CA THR B 216 -3.14 -6.17 -5.42
C THR B 216 -3.72 -5.12 -4.47
N TRP B 217 -3.57 -5.31 -3.15
CA TRP B 217 -4.11 -4.35 -2.21
C TRP B 217 -3.18 -3.15 -2.05
N ASP B 218 -1.87 -3.36 -2.21
CA ASP B 218 -0.95 -2.23 -2.39
C ASP B 218 -1.49 -1.28 -3.45
N GLY B 219 -1.76 -1.81 -4.65
CA GLY B 219 -2.19 -0.97 -5.75
C GLY B 219 -3.55 -0.33 -5.53
N ILE B 220 -4.49 -1.07 -4.95
CA ILE B 220 -5.84 -0.53 -4.74
C ILE B 220 -5.82 0.60 -3.69
N MET B 221 -5.13 0.37 -2.55
CA MET B 221 -4.96 1.44 -1.57
C MET B 221 -4.27 2.65 -2.17
N ARG B 222 -3.22 2.42 -2.97
CA ARG B 222 -2.48 3.51 -3.59
C ARG B 222 -3.37 4.34 -4.51
N ALA B 223 -4.22 3.67 -5.30
CA ALA B 223 -5.03 4.43 -6.25
C ALA B 223 -6.17 5.17 -5.56
N THR B 224 -6.72 4.62 -4.50
CA THR B 224 -7.97 5.15 -3.97
C THR B 224 -7.85 5.85 -2.63
N ASN B 225 -6.88 5.50 -1.79
CA ASN B 225 -6.83 5.94 -0.39
C ASN B 225 -8.13 5.62 0.37
N LEU B 226 -8.74 4.47 0.11
CA LEU B 226 -9.96 4.08 0.79
C LEU B 226 -9.75 2.89 1.76
N LEU B 227 -10.68 2.76 2.70
CA LEU B 227 -10.55 1.77 3.76
C LEU B 227 -10.94 0.39 3.25
N ILE B 228 -10.14 -0.61 3.61
CA ILE B 228 -10.49 -1.98 3.26
C ILE B 228 -11.35 -2.64 4.35
N ALA B 229 -11.11 -2.31 5.62
CA ALA B 229 -11.89 -2.90 6.70
C ALA B 229 -13.37 -2.56 6.54
N GLY B 230 -14.22 -3.53 6.85
CA GLY B 230 -15.65 -3.32 6.83
C GLY B 230 -16.25 -3.10 5.45
N LYS B 231 -15.49 -3.37 4.39
CA LYS B 231 -15.99 -3.38 3.03
C LYS B 231 -16.41 -4.80 2.63
N ASN B 232 -17.38 -4.88 1.72
CA ASN B 232 -17.68 -6.13 1.00
C ASN B 232 -16.74 -6.22 -0.20
N VAL B 233 -15.79 -7.16 -0.13
CA VAL B 233 -14.82 -7.37 -1.19
C VAL B 233 -15.23 -8.62 -1.95
N VAL B 234 -15.52 -8.47 -3.24
CA VAL B 234 -15.88 -9.58 -4.11
C VAL B 234 -14.65 -10.00 -4.89
N VAL B 235 -14.23 -11.25 -4.73
CA VAL B 235 -13.07 -11.79 -5.45
C VAL B 235 -13.60 -12.82 -6.45
N VAL B 236 -13.34 -12.58 -7.73
CA VAL B 236 -13.83 -13.43 -8.81
C VAL B 236 -12.69 -14.35 -9.21
N GLY B 237 -12.86 -15.65 -8.96
CA GLY B 237 -11.77 -16.60 -9.12
C GLY B 237 -11.18 -16.98 -7.77
N TYR B 238 -11.09 -18.27 -7.49
CA TYR B 238 -10.44 -18.77 -6.30
C TYR B 238 -9.34 -19.73 -6.66
N GLY B 239 -8.61 -19.41 -7.73
CA GLY B 239 -7.35 -20.06 -8.03
C GLY B 239 -6.27 -19.52 -7.11
N TRP B 240 -5.02 -19.62 -7.56
CA TRP B 240 -3.92 -19.21 -6.70
C TRP B 240 -3.92 -17.70 -6.44
N CYS B 241 -4.09 -16.88 -7.48
CA CYS B 241 -4.18 -15.43 -7.26
C CYS B 241 -5.43 -15.10 -6.45
N GLY B 242 -6.57 -15.68 -6.82
CA GLY B 242 -7.82 -15.34 -6.16
C GLY B 242 -7.78 -15.60 -4.66
N ARG B 243 -7.27 -16.77 -4.27
CA ARG B 243 -7.23 -17.07 -2.85
C ARG B 243 -6.19 -16.21 -2.13
N GLY B 244 -5.13 -15.80 -2.83
CA GLY B 244 -4.22 -14.84 -2.23
C GLY B 244 -4.88 -13.48 -2.02
N ILE B 245 -5.58 -12.99 -3.04
CA ILE B 245 -6.27 -11.71 -2.89
C ILE B 245 -7.29 -11.78 -1.77
N ALA B 246 -7.99 -12.92 -1.65
CA ALA B 246 -9.01 -13.06 -0.60
C ALA B 246 -8.37 -13.10 0.77
N MET B 247 -7.33 -13.91 0.93
CA MET B 247 -6.62 -14.04 2.20
C MET B 247 -6.21 -12.67 2.74
N ARG B 248 -5.66 -11.81 1.88
CA ARG B 248 -5.14 -10.54 2.35
C ARG B 248 -6.23 -9.49 2.50
N ALA B 249 -7.27 -9.54 1.67
CA ALA B 249 -8.46 -8.72 1.90
C ALA B 249 -9.04 -8.98 3.29
N ARG B 250 -9.20 -10.25 3.64
CA ARG B 250 -9.63 -10.60 4.99
C ARG B 250 -8.62 -10.14 6.03
N GLY B 251 -7.34 -10.33 5.77
CA GLY B 251 -6.33 -9.85 6.68
C GLY B 251 -6.41 -8.35 6.92
N LEU B 252 -6.97 -7.61 5.95
CA LEU B 252 -7.12 -6.16 6.07
C LEU B 252 -8.50 -5.75 6.61
N GLY B 253 -9.33 -6.69 7.03
CA GLY B 253 -10.58 -6.37 7.70
C GLY B 253 -11.84 -6.46 6.85
N ALA B 254 -11.74 -6.93 5.63
CA ALA B 254 -12.89 -6.90 4.74
C ALA B 254 -13.72 -8.17 4.90
N THR B 255 -15.01 -8.06 4.58
CA THR B 255 -15.88 -9.22 4.38
C THR B 255 -15.71 -9.68 2.95
N VAL B 256 -15.27 -10.91 2.73
CA VAL B 256 -14.86 -11.37 1.41
C VAL B 256 -15.90 -12.33 0.84
N ILE B 257 -16.27 -12.11 -0.43
CA ILE B 257 -17.17 -12.99 -1.16
C ILE B 257 -16.44 -13.52 -2.38
N VAL B 258 -16.52 -14.82 -2.61
CA VAL B 258 -15.81 -15.48 -3.68
C VAL B 258 -16.81 -15.89 -4.75
N VAL B 259 -16.45 -15.68 -6.01
CA VAL B 259 -17.28 -16.14 -7.11
C VAL B 259 -16.42 -17.12 -7.91
N GLU B 260 -16.93 -18.33 -8.11
CA GLU B 260 -16.18 -19.37 -8.80
C GLU B 260 -17.11 -20.11 -9.75
N VAL B 261 -16.49 -20.75 -10.74
CA VAL B 261 -17.18 -21.72 -11.59
C VAL B 261 -16.77 -23.15 -11.27
N ASP B 262 -15.71 -23.35 -10.49
CA ASP B 262 -15.22 -24.68 -10.10
C ASP B 262 -15.82 -25.07 -8.76
N PRO B 263 -16.59 -26.15 -8.70
CA PRO B 263 -17.31 -26.47 -7.45
C PRO B 263 -16.41 -26.90 -6.30
N ILE B 264 -15.31 -27.61 -6.58
CA ILE B 264 -14.34 -27.90 -5.53
C ILE B 264 -13.77 -26.62 -4.94
N LYS B 265 -13.35 -25.69 -5.79
CA LYS B 265 -12.77 -24.46 -5.30
C LYS B 265 -13.78 -23.59 -4.57
N ALA B 266 -15.04 -23.61 -5.02
CA ALA B 266 -16.11 -22.94 -4.29
C ALA B 266 -16.21 -23.46 -2.86
N LEU B 267 -16.19 -24.79 -2.71
CA LEU B 267 -16.24 -25.38 -1.38
C LEU B 267 -15.03 -24.99 -0.54
N GLU B 268 -13.84 -24.98 -1.15
CA GLU B 268 -12.65 -24.53 -0.43
C GLU B 268 -12.86 -23.14 0.14
N ALA B 269 -13.43 -22.25 -0.65
CA ALA B 269 -13.64 -20.88 -0.20
C ALA B 269 -14.58 -20.83 1.00
N ARG B 270 -15.68 -21.58 0.94
CA ARG B 270 -16.58 -21.66 2.09
C ARG B 270 -15.82 -22.10 3.35
N MET B 271 -15.15 -23.26 3.27
CA MET B 271 -14.40 -23.80 4.41
C MET B 271 -13.37 -22.80 4.92
N ASP B 272 -12.83 -21.96 4.05
CA ASP B 272 -11.88 -20.92 4.44
C ASP B 272 -12.56 -19.71 5.06
N GLY B 273 -13.88 -19.74 5.22
CA GLY B 273 -14.60 -18.70 5.93
C GLY B 273 -15.25 -17.64 5.06
N PHE B 274 -15.30 -17.82 3.76
CA PHE B 274 -15.79 -16.79 2.85
C PHE B 274 -17.20 -17.12 2.38
N LEU B 275 -17.97 -16.07 2.12
CA LEU B 275 -19.23 -16.24 1.43
C LEU B 275 -18.96 -16.65 -0.01
N VAL B 276 -19.81 -17.51 -0.54
CA VAL B 276 -19.70 -17.93 -1.93
C VAL B 276 -21.05 -17.67 -2.58
N MET B 277 -21.04 -16.97 -3.71
CA MET B 277 -22.29 -16.72 -4.44
C MET B 277 -21.95 -16.43 -5.88
N ASP B 278 -22.97 -16.43 -6.75
CA ASP B 278 -22.70 -16.16 -8.15
C ASP B 278 -22.52 -14.66 -8.38
N MET B 279 -22.18 -14.32 -9.63
CA MET B 279 -21.70 -12.97 -9.90
C MET B 279 -22.82 -11.94 -9.87
N LYS B 280 -24.03 -12.30 -10.31
CA LYS B 280 -25.16 -11.37 -10.19
C LYS B 280 -25.43 -11.02 -8.74
N GLU B 281 -25.55 -12.04 -7.88
CA GLU B 281 -25.79 -11.79 -6.47
C GLU B 281 -24.64 -11.00 -5.83
N ALA B 282 -23.40 -11.32 -6.21
CA ALA B 282 -22.28 -10.56 -5.64
C ALA B 282 -22.26 -9.13 -6.14
N ALA B 283 -22.74 -8.90 -7.37
CA ALA B 283 -22.74 -7.57 -7.94
C ALA B 283 -23.61 -6.61 -7.14
N LYS B 284 -24.70 -7.11 -6.54
CA LYS B 284 -25.59 -6.22 -5.80
C LYS B 284 -24.98 -5.71 -4.50
N ILE B 285 -24.01 -6.41 -3.91
CA ILE B 285 -23.55 -6.08 -2.57
C ILE B 285 -22.08 -5.74 -2.46
N GLY B 286 -21.28 -6.00 -3.50
CA GLY B 286 -19.86 -5.68 -3.41
C GLY B 286 -19.59 -4.19 -3.38
N ASP B 287 -18.62 -3.79 -2.55
CA ASP B 287 -18.06 -2.43 -2.60
C ASP B 287 -16.82 -2.37 -3.46
N ILE B 288 -16.01 -3.44 -3.43
CA ILE B 288 -14.78 -3.57 -4.20
C ILE B 288 -14.81 -4.92 -4.90
N PHE B 289 -14.60 -4.91 -6.21
CA PHE B 289 -14.58 -6.11 -7.03
C PHE B 289 -13.16 -6.32 -7.56
N VAL B 290 -12.63 -7.54 -7.43
CA VAL B 290 -11.32 -7.87 -7.97
C VAL B 290 -11.44 -9.15 -8.76
N THR B 291 -11.09 -9.10 -10.04
CA THR B 291 -11.10 -10.28 -10.90
C THR B 291 -9.73 -10.93 -10.99
N ALA B 292 -9.70 -12.25 -10.91
CA ALA B 292 -8.46 -13.01 -10.94
C ALA B 292 -8.72 -14.35 -11.63
N THR B 293 -9.41 -14.30 -12.77
CA THR B 293 -9.83 -15.53 -13.41
C THR B 293 -8.97 -15.92 -14.59
N GLY B 294 -8.27 -14.97 -15.22
CA GLY B 294 -7.67 -15.26 -16.50
C GLY B 294 -8.67 -15.58 -17.59
N ASN B 295 -9.93 -15.23 -17.38
CA ASN B 295 -10.99 -15.49 -18.34
C ASN B 295 -11.50 -14.18 -18.92
N ILE B 296 -12.44 -14.28 -19.85
CA ILE B 296 -13.01 -13.12 -20.52
C ILE B 296 -14.42 -12.89 -19.99
N LYS B 297 -14.79 -11.62 -19.85
CA LYS B 297 -16.18 -11.20 -19.61
C LYS B 297 -16.74 -11.80 -18.31
N CYS B 298 -15.91 -11.86 -17.28
N CYS B 298 -15.93 -11.82 -17.25
CA CYS B 298 -16.40 -12.30 -15.98
CA CYS B 298 -16.44 -12.34 -15.98
C CYS B 298 -17.35 -11.28 -15.37
C CYS B 298 -17.18 -11.28 -15.17
N ILE B 299 -17.00 -9.99 -15.49
CA ILE B 299 -17.90 -8.93 -15.05
C ILE B 299 -18.28 -8.15 -16.30
N ARG B 300 -19.58 -8.01 -16.54
CA ARG B 300 -20.07 -7.50 -17.81
C ARG B 300 -21.35 -6.70 -17.57
N ARG B 301 -22.01 -6.31 -18.66
CA ARG B 301 -23.09 -5.33 -18.60
C ARG B 301 -24.06 -5.54 -17.44
N GLU B 302 -24.70 -6.71 -17.37
CA GLU B 302 -25.76 -6.93 -16.38
C GLU B 302 -25.24 -6.87 -14.95
N HIS B 303 -23.95 -7.08 -14.73
CA HIS B 303 -23.40 -6.87 -13.39
C HIS B 303 -23.21 -5.39 -13.08
N PHE B 304 -22.65 -4.62 -14.02
CA PHE B 304 -22.53 -3.17 -13.83
C PHE B 304 -23.89 -2.54 -13.53
N GLU B 305 -24.94 -3.01 -14.19
CA GLU B 305 -26.28 -2.47 -13.97
C GLU B 305 -26.77 -2.69 -12.55
N LEU B 306 -26.22 -3.67 -11.83
CA LEU B 306 -26.65 -4.01 -10.48
C LEU B 306 -25.80 -3.39 -9.38
N MET B 307 -24.63 -2.83 -9.70
CA MET B 307 -23.71 -2.47 -8.61
C MET B 307 -24.15 -1.18 -7.92
N LYS B 308 -23.67 -1.02 -6.70
CA LYS B 308 -23.97 0.16 -5.89
C LYS B 308 -23.20 1.37 -6.39
N ASP B 309 -23.75 2.56 -6.12
CA ASP B 309 -23.05 3.80 -6.44
C ASP B 309 -21.70 3.83 -5.74
N GLY B 310 -20.65 4.09 -6.52
CA GLY B 310 -19.31 4.16 -5.95
C GLY B 310 -18.56 2.85 -5.85
N ALA B 311 -19.11 1.77 -6.41
CA ALA B 311 -18.37 0.51 -6.49
C ALA B 311 -17.05 0.72 -7.20
N ILE B 312 -16.04 -0.02 -6.74
CA ILE B 312 -14.69 0.07 -7.25
C ILE B 312 -14.30 -1.28 -7.82
N MET B 313 -13.76 -1.27 -9.02
CA MET B 313 -13.47 -2.46 -9.79
C MET B 313 -11.98 -2.48 -10.12
N ALA B 314 -11.34 -3.64 -9.97
CA ALA B 314 -9.93 -3.81 -10.29
C ALA B 314 -9.69 -5.20 -10.87
N ASN B 315 -8.69 -5.30 -11.75
CA ASN B 315 -8.38 -6.56 -12.38
C ASN B 315 -6.98 -6.99 -11.97
N ALA B 316 -6.84 -8.23 -11.50
CA ALA B 316 -5.53 -8.77 -11.21
C ALA B 316 -5.03 -9.73 -12.28
N GLY B 317 -5.86 -10.11 -13.26
CA GLY B 317 -5.46 -11.03 -14.31
C GLY B 317 -4.62 -10.36 -15.41
N HIS B 318 -4.03 -11.20 -16.27
CA HIS B 318 -2.96 -10.72 -17.15
C HIS B 318 -3.50 -9.85 -18.30
N PHE B 319 -4.69 -10.14 -18.82
CA PHE B 319 -5.26 -9.32 -19.87
C PHE B 319 -6.47 -8.57 -19.33
N ASP B 320 -6.68 -7.35 -19.85
CA ASP B 320 -7.77 -6.49 -19.39
C ASP B 320 -9.11 -6.84 -20.03
N VAL B 321 -9.43 -8.13 -20.18
CA VAL B 321 -10.70 -8.58 -20.71
C VAL B 321 -11.59 -9.20 -19.65
N GLU B 322 -11.18 -9.20 -18.39
CA GLU B 322 -12.01 -9.82 -17.36
C GLU B 322 -13.17 -8.91 -16.97
N ILE B 323 -12.87 -7.65 -16.67
CA ILE B 323 -13.89 -6.60 -16.58
C ILE B 323 -14.08 -6.04 -17.98
N TRP B 324 -15.28 -6.20 -18.55
CA TRP B 324 -15.48 -5.91 -19.96
C TRP B 324 -15.75 -4.41 -20.14
N LYS B 325 -14.67 -3.67 -20.40
CA LYS B 325 -14.72 -2.23 -20.64
C LYS B 325 -15.78 -1.78 -21.64
N PRO B 326 -15.92 -2.37 -22.84
CA PRO B 326 -16.91 -1.85 -23.79
C PRO B 326 -18.32 -1.77 -23.23
N ASP B 327 -18.70 -2.63 -22.27
CA ASP B 327 -20.04 -2.57 -21.71
C ASP B 327 -20.19 -1.40 -20.75
N LEU B 328 -19.13 -1.09 -20.00
CA LEU B 328 -19.12 0.14 -19.20
C LEU B 328 -19.24 1.38 -20.07
N GLU B 329 -18.50 1.40 -21.20
CA GLU B 329 -18.56 2.54 -22.12
C GLU B 329 -19.95 2.75 -22.69
N LYS B 330 -20.62 1.65 -23.11
CA LYS B 330 -21.99 1.78 -23.61
C LYS B 330 -22.94 2.22 -22.51
N LEU B 331 -22.73 1.77 -21.27
CA LEU B 331 -23.62 2.17 -20.18
C LEU B 331 -23.42 3.63 -19.80
N ALA B 332 -22.23 4.17 -19.99
CA ALA B 332 -21.90 5.48 -19.44
C ALA B 332 -22.48 6.61 -20.27
N VAL B 333 -22.94 7.66 -19.58
CA VAL B 333 -23.23 8.93 -20.23
C VAL B 333 -22.06 9.92 -20.10
N GLU B 334 -21.20 9.76 -19.09
CA GLU B 334 -19.93 10.47 -19.00
C GLU B 334 -18.84 9.50 -18.59
N ILE B 335 -17.63 9.77 -19.05
CA ILE B 335 -16.41 9.09 -18.61
C ILE B 335 -15.46 10.17 -18.13
N ASN B 336 -15.13 10.14 -16.84
CA ASN B 336 -14.30 11.15 -16.20
C ASN B 336 -13.09 10.48 -15.56
N ASN B 337 -12.12 11.30 -15.13
CA ASN B 337 -10.87 10.82 -14.56
C ASN B 337 -10.54 11.57 -13.28
N PRO B 338 -11.13 11.18 -12.16
CA PRO B 338 -10.97 11.98 -10.92
C PRO B 338 -9.62 11.83 -10.26
N ARG B 339 -8.93 10.72 -10.47
CA ARG B 339 -7.62 10.44 -9.92
C ARG B 339 -6.78 9.74 -10.98
N PRO B 340 -5.47 9.80 -10.88
CA PRO B 340 -4.64 8.87 -11.64
C PRO B 340 -5.08 7.45 -11.35
N ASN B 341 -5.20 6.65 -12.41
CA ASN B 341 -5.58 5.25 -12.30
C ASN B 341 -7.01 5.06 -11.83
N VAL B 342 -7.86 6.08 -11.92
CA VAL B 342 -9.28 5.92 -11.61
C VAL B 342 -10.08 6.49 -12.76
N THR B 343 -10.78 5.63 -13.50
CA THR B 343 -11.76 6.05 -14.50
C THR B 343 -13.14 5.98 -13.87
N GLU B 344 -13.93 7.02 -14.08
CA GLU B 344 -15.30 7.09 -13.56
C GLU B 344 -16.27 6.92 -14.71
N TYR B 345 -17.15 5.93 -14.61
CA TYR B 345 -18.20 5.72 -15.59
C TYR B 345 -19.52 6.11 -14.93
N LYS B 346 -20.10 7.21 -15.39
CA LYS B 346 -21.33 7.74 -14.83
C LYS B 346 -22.51 7.26 -15.66
N LEU B 347 -23.49 6.65 -15.01
CA LEU B 347 -24.63 6.03 -15.68
C LEU B 347 -25.84 6.96 -15.68
N LYS B 348 -26.86 6.57 -16.44
CA LYS B 348 -28.04 7.40 -16.65
C LYS B 348 -28.72 7.78 -15.35
N ASP B 349 -28.69 6.91 -14.34
CA ASP B 349 -29.36 7.19 -13.09
C ASP B 349 -28.44 7.88 -12.07
N GLY B 350 -27.27 8.34 -12.49
CA GLY B 350 -26.38 9.07 -11.63
C GLY B 350 -25.37 8.23 -10.87
N ARG B 351 -25.48 6.90 -10.90
CA ARG B 351 -24.48 6.05 -10.25
C ARG B 351 -23.13 6.24 -10.93
N ARG B 352 -22.08 6.17 -10.12
CA ARG B 352 -20.72 6.26 -10.61
C ARG B 352 -19.99 4.97 -10.25
N LEU B 353 -19.49 4.27 -11.25
CA LEU B 353 -18.68 3.08 -11.05
C LEU B 353 -17.25 3.41 -11.46
N TYR B 354 -16.30 2.96 -10.64
CA TYR B 354 -14.90 3.32 -10.77
C TYR B 354 -14.08 2.12 -11.20
N LEU B 355 -13.32 2.29 -12.28
CA LEU B 355 -12.44 1.24 -12.78
C LEU B 355 -11.01 1.67 -12.48
N LEU B 356 -10.26 0.83 -11.78
CA LEU B 356 -8.87 1.15 -11.45
C LEU B 356 -7.95 0.67 -12.55
N ALA B 357 -6.92 1.47 -12.82
CA ALA B 357 -5.80 1.07 -13.69
C ALA B 357 -6.28 0.67 -15.08
N ASP B 358 -7.39 1.26 -15.53
CA ASP B 358 -7.93 0.99 -16.87
C ASP B 358 -8.27 -0.50 -17.04
N GLY B 359 -8.54 -1.19 -15.94
CA GLY B 359 -8.86 -2.60 -16.01
C GLY B 359 -7.67 -3.51 -16.21
N ARG B 360 -6.45 -2.98 -16.18
CA ARG B 360 -5.23 -3.77 -16.30
C ARG B 360 -4.65 -4.09 -14.93
N LEU B 361 -3.83 -5.14 -14.89
CA LEU B 361 -3.07 -5.57 -13.71
C LEU B 361 -2.89 -4.45 -12.71
N VAL B 362 -3.73 -4.38 -11.68
CA VAL B 362 -3.74 -3.20 -10.82
C VAL B 362 -2.45 -3.13 -9.99
N ASN B 363 -1.84 -4.27 -9.67
CA ASN B 363 -0.63 -4.26 -8.87
C ASN B 363 0.54 -3.67 -9.64
N LEU B 364 0.57 -3.85 -10.96
CA LEU B 364 1.68 -3.38 -11.77
C LEU B 364 1.45 -2.01 -12.37
N VAL B 365 0.20 -1.57 -12.51
CA VAL B 365 -0.06 -0.32 -13.23
C VAL B 365 -0.32 0.77 -12.19
N ALA B 366 -0.95 0.41 -11.06
CA ALA B 366 -1.20 1.36 -9.99
C ALA B 366 -0.18 1.30 -8.86
N ALA B 367 0.74 0.34 -8.87
CA ALA B 367 1.75 0.24 -7.83
C ALA B 367 3.06 -0.26 -8.43
N ASP B 368 3.90 -0.94 -7.65
CA ASP B 368 5.22 -1.36 -8.10
C ASP B 368 5.32 -2.87 -8.34
N GLY B 369 4.20 -3.55 -8.55
CA GLY B 369 4.24 -4.97 -8.75
C GLY B 369 4.48 -5.75 -7.46
N HIS B 370 4.73 -7.04 -7.65
CA HIS B 370 4.99 -7.93 -6.53
C HIS B 370 6.18 -7.41 -5.73
N PRO B 371 6.26 -7.73 -4.44
CA PRO B 371 7.42 -7.29 -3.65
C PRO B 371 8.69 -7.94 -4.14
N ALA B 372 9.82 -7.31 -3.78
CA ALA B 372 11.12 -7.77 -4.30
C ALA B 372 11.37 -9.24 -3.96
N GLU B 373 11.06 -9.65 -2.73
CA GLU B 373 11.40 -11.01 -2.30
C GLU B 373 10.59 -12.06 -3.03
N ILE B 374 9.40 -11.72 -3.50
CA ILE B 374 8.64 -12.65 -4.31
C ILE B 374 9.24 -12.77 -5.70
N MET B 375 9.44 -11.64 -6.39
CA MET B 375 10.03 -11.68 -7.74
C MET B 375 11.42 -12.29 -7.71
N ASP B 376 12.16 -12.15 -6.61
CA ASP B 376 13.43 -12.85 -6.44
C ASP B 376 13.27 -14.35 -6.72
N MET B 377 12.19 -14.94 -6.21
CA MET B 377 11.99 -16.37 -6.33
C MET B 377 11.51 -16.74 -7.74
N SER B 378 10.53 -15.98 -8.25
CA SER B 378 10.05 -16.19 -9.60
C SER B 378 11.17 -16.04 -10.62
N PHE B 379 11.96 -14.99 -10.47
CA PHE B 379 12.95 -14.69 -11.49
C PHE B 379 14.21 -15.50 -11.32
N ALA B 380 14.47 -16.02 -10.11
CA ALA B 380 15.47 -17.07 -9.98
C ALA B 380 15.09 -18.28 -10.82
N LEU B 381 13.80 -18.64 -10.81
CA LEU B 381 13.33 -19.73 -11.65
C LEU B 381 13.47 -19.42 -13.13
N GLN B 382 13.25 -18.15 -13.50
CA GLN B 382 13.45 -17.75 -14.89
C GLN B 382 14.92 -17.89 -15.30
N ALA B 383 15.83 -17.41 -14.45
CA ALA B 383 17.25 -17.54 -14.74
C ALA B 383 17.64 -18.99 -14.94
N LYS B 384 17.18 -19.87 -14.03
CA LYS B 384 17.47 -21.31 -14.14
C LYS B 384 16.77 -21.93 -15.34
N ALA B 385 15.57 -21.47 -15.70
CA ALA B 385 14.91 -22.01 -16.88
C ALA B 385 15.69 -21.65 -18.14
N ALA B 386 16.22 -20.42 -18.19
CA ALA B 386 17.08 -20.04 -19.30
C ALA B 386 18.33 -20.91 -19.34
N GLU B 387 18.91 -21.21 -18.18
CA GLU B 387 20.06 -22.11 -18.12
C GLU B 387 19.66 -23.53 -18.50
N TYR B 388 18.44 -23.92 -18.15
CA TYR B 388 17.93 -25.26 -18.45
C TYR B 388 17.75 -25.45 -19.96
N ILE B 389 17.27 -24.41 -20.66
CA ILE B 389 17.15 -24.48 -22.11
C ILE B 389 18.52 -24.52 -22.77
N LYS B 390 19.44 -23.69 -22.28
CA LYS B 390 20.80 -23.69 -22.81
C LYS B 390 21.43 -25.07 -22.72
N ASP B 391 21.12 -25.82 -21.67
CA ASP B 391 21.76 -27.10 -21.45
C ASP B 391 20.98 -28.31 -21.96
N ASN B 392 19.72 -28.12 -22.40
CA ASN B 392 18.90 -29.27 -22.75
C ASN B 392 18.12 -29.11 -24.05
N HIS B 393 18.30 -28.02 -24.79
CA HIS B 393 17.45 -27.78 -25.95
C HIS B 393 17.66 -28.84 -27.03
N GLU B 394 18.84 -29.45 -27.09
CA GLU B 394 19.14 -30.44 -28.11
C GLU B 394 18.43 -31.77 -27.86
N ARG B 395 17.82 -31.96 -26.69
CA ARG B 395 17.07 -33.19 -26.41
C ARG B 395 15.69 -32.92 -25.82
N LEU B 396 15.12 -31.74 -26.08
CA LEU B 396 13.73 -31.45 -25.79
C LEU B 396 12.94 -31.42 -27.09
N GLU B 397 11.62 -31.55 -26.97
CA GLU B 397 10.70 -31.56 -28.10
C GLU B 397 9.86 -30.28 -28.11
N PRO B 398 9.17 -29.98 -29.23
CA PRO B 398 8.25 -28.82 -29.24
C PRO B 398 7.05 -29.00 -28.33
N LYS B 399 7.28 -29.05 -27.02
CA LYS B 399 6.25 -29.31 -26.03
C LYS B 399 6.41 -28.31 -24.89
N VAL B 400 5.47 -28.36 -23.95
CA VAL B 400 5.52 -27.57 -22.73
C VAL B 400 6.03 -28.45 -21.61
N TYR B 401 7.16 -28.08 -21.04
CA TYR B 401 7.78 -28.80 -19.94
C TYR B 401 7.71 -27.97 -18.67
N ILE B 402 7.85 -28.67 -17.53
CA ILE B 402 7.96 -28.05 -16.22
C ILE B 402 9.37 -28.30 -15.71
N LEU B 403 9.95 -27.31 -15.04
CA LEU B 403 11.30 -27.46 -14.52
C LEU B 403 11.35 -28.64 -13.54
N PRO B 404 12.45 -29.40 -13.53
CA PRO B 404 12.55 -30.51 -12.57
C PRO B 404 12.48 -29.98 -11.14
N ARG B 405 11.87 -30.77 -10.26
CA ARG B 405 11.60 -30.33 -8.91
C ARG B 405 12.87 -30.09 -8.11
N GLU B 406 14.01 -30.65 -8.54
CA GLU B 406 15.28 -30.35 -7.87
C GLU B 406 15.60 -28.86 -7.93
N ILE B 407 15.14 -28.14 -8.96
CA ILE B 407 15.42 -26.71 -9.06
C ILE B 407 14.53 -25.92 -8.10
N ASP B 408 13.25 -26.28 -8.02
CA ASP B 408 12.37 -25.72 -7.00
C ASP B 408 12.97 -25.90 -5.61
N GLU B 409 13.48 -27.10 -5.33
CA GLU B 409 14.08 -27.36 -4.03
C GLU B 409 15.34 -26.54 -3.82
N MET B 410 16.17 -26.40 -4.85
CA MET B 410 17.35 -25.55 -4.73
C MET B 410 16.97 -24.09 -4.44
N VAL B 411 15.96 -23.57 -5.13
CA VAL B 411 15.57 -22.17 -4.89
C VAL B 411 15.07 -21.99 -3.47
N ALA B 412 14.29 -22.96 -2.97
CA ALA B 412 13.74 -22.88 -1.63
C ALA B 412 14.83 -23.00 -0.56
N ARG B 413 15.84 -23.83 -0.81
CA ARG B 413 16.91 -24.00 0.17
C ARG B 413 17.81 -22.77 0.24
N ILE B 414 18.13 -22.14 -0.89
CA ILE B 414 18.90 -20.91 -0.86
C ILE B 414 18.14 -19.81 -0.13
N LYS B 415 16.84 -19.72 -0.37
CA LYS B 415 16.03 -18.71 0.28
C LYS B 415 15.99 -18.94 1.80
N LEU B 416 15.89 -20.20 2.22
CA LEU B 416 15.84 -20.50 3.65
C LEU B 416 17.15 -20.15 4.34
N GLU B 417 18.28 -20.50 3.72
CA GLU B 417 19.56 -20.10 4.29
C GLU B 417 19.67 -18.59 4.44
N SER B 418 19.30 -17.84 3.39
CA SER B 418 19.37 -16.39 3.49
C SER B 418 18.46 -15.84 4.59
N MET B 419 17.44 -16.58 5.02
CA MET B 419 16.63 -16.15 6.15
C MET B 419 17.16 -16.63 7.50
N GLY B 420 18.24 -17.40 7.53
CA GLY B 420 18.68 -17.96 8.79
C GLY B 420 17.86 -19.12 9.33
N ILE B 421 17.08 -19.78 8.48
CA ILE B 421 16.19 -20.84 8.89
C ILE B 421 16.85 -22.18 8.56
N LYS B 422 16.96 -23.04 9.56
CA LYS B 422 17.55 -24.37 9.41
C LYS B 422 16.49 -25.41 9.72
N ILE B 423 16.11 -26.19 8.72
CA ILE B 423 15.02 -27.15 8.84
C ILE B 423 15.56 -28.54 9.16
N GLU B 424 14.67 -29.40 9.66
CA GLU B 424 15.06 -30.78 9.94
C GLU B 424 15.29 -31.57 8.64
N GLU B 425 16.07 -32.63 8.74
CA GLU B 425 16.37 -33.49 7.60
C GLU B 425 15.90 -34.91 7.87
N LEU B 426 15.36 -35.56 6.84
CA LEU B 426 14.93 -36.94 6.97
C LEU B 426 16.12 -37.84 7.28
N THR B 427 16.02 -38.59 8.36
CA THR B 427 17.02 -39.61 8.63
C THR B 427 16.88 -40.76 7.65
N GLU B 428 17.92 -41.59 7.57
CA GLU B 428 17.85 -42.76 6.72
C GLU B 428 16.77 -43.72 7.18
N GLU B 429 16.61 -43.86 8.51
CA GLU B 429 15.57 -44.71 9.04
C GLU B 429 14.18 -44.23 8.61
N GLN B 430 13.97 -42.92 8.62
CA GLN B 430 12.68 -42.38 8.20
C GLN B 430 12.43 -42.58 6.71
N LYS B 431 13.48 -42.47 5.88
CA LYS B 431 13.29 -42.71 4.45
C LYS B 431 12.88 -44.15 4.18
N LYS B 432 13.50 -45.10 4.87
CA LYS B 432 13.16 -46.51 4.68
C LYS B 432 11.76 -46.83 5.21
N TYR B 433 11.35 -46.21 6.31
CA TYR B 433 10.00 -46.41 6.81
C TYR B 433 8.95 -45.93 5.82
N LEU B 434 9.16 -44.77 5.18
CA LEU B 434 8.23 -44.24 4.20
C LEU B 434 8.14 -45.11 2.94
N GLU B 435 9.06 -46.06 2.76
CA GLU B 435 9.05 -46.93 1.59
C GLU B 435 8.76 -48.39 1.96
N SER B 436 8.25 -48.62 3.16
CA SER B 436 7.95 -49.96 3.64
C SER B 436 6.44 -50.12 3.75
N TRP B 437 6.00 -51.38 3.92
CA TRP B 437 4.58 -51.67 4.06
C TRP B 437 4.25 -52.61 5.21
N GLU B 438 5.24 -53.25 5.83
CA GLU B 438 4.98 -54.28 6.84
C GLU B 438 4.84 -53.73 8.25
N HIS B 439 5.03 -52.43 8.47
CA HIS B 439 5.00 -51.86 9.82
C HIS B 439 3.66 -51.17 10.05
N GLY B 440 2.66 -51.97 10.39
CA GLY B 440 1.37 -51.49 10.81
C GLY B 440 1.23 -51.54 12.32
N THR B 441 -0.01 -51.61 12.79
CA THR B 441 -0.25 -51.77 14.22
C THR B 441 0.29 -53.12 14.72
PA NAD C . -1.69 4.36 23.66
O1A NAD C . -1.14 5.09 24.86
O2A NAD C . -2.95 3.56 23.52
O5B NAD C . -0.48 3.15 23.44
C5B NAD C . 0.76 3.59 23.89
C4B NAD C . 1.43 2.29 24.31
O4B NAD C . 2.86 2.37 24.22
C3B NAD C . 1.03 2.05 25.81
O3B NAD C . 0.37 0.83 25.81
C2B NAD C . 2.40 1.96 26.52
O2B NAD C . 2.45 0.91 27.42
C1B NAD C . 3.35 1.61 25.30
N9A NAD C . 4.70 2.08 25.56
C8A NAD C . 5.16 3.32 26.06
N7A NAD C . 6.49 3.35 26.14
C5A NAD C . 6.92 2.08 25.66
C6A NAD C . 8.20 1.48 25.50
N6A NAD C . 9.30 2.17 25.84
N1A NAD C . 8.30 0.19 25.01
C2A NAD C . 7.14 -0.46 24.71
N3A NAD C . 5.86 -0.01 24.81
C4A NAD C . 5.80 1.28 25.30
O3 NAD C . -1.31 5.45 22.49
PN NAD C . -2.03 5.28 21.06
O1N NAD C . -3.35 5.97 20.81
O2N NAD C . -1.60 3.93 20.60
O5D NAD C . -1.01 6.20 19.92
C5D NAD C . 0.27 6.27 20.42
C4D NAD C . 1.10 7.15 19.48
O4D NAD C . 0.55 7.07 18.11
C3D NAD C . 0.93 8.62 19.95
O3D NAD C . 2.12 9.27 19.61
C2D NAD C . -0.25 9.11 19.07
O2D NAD C . -0.23 10.47 18.80
C1D NAD C . 0.18 8.43 17.73
N1N NAD C . -0.98 8.27 16.75
C2N NAD C . -0.61 8.19 15.44
C3N NAD C . -1.58 8.00 14.45
C7N NAD C . -1.06 7.95 13.06
O7N NAD C . 0.11 7.55 12.80
N7N NAD C . -1.93 8.39 12.09
C4N NAD C . -2.93 7.84 14.80
C5N NAD C . -3.30 7.91 16.16
C6N NAD C . -2.30 8.13 17.15
N9 NOS D . -4.28 11.61 10.82
C4 NOS D . -4.67 12.39 9.76
N3 NOS D . -5.09 13.68 9.81
C2 NOS D . -5.41 14.20 8.62
N1 NOS D . -5.36 13.51 7.42
C6 NOS D . -4.94 12.23 7.40
O6 NOS D . -4.88 11.56 6.21
C5 NOS D . -4.57 11.58 8.60
N7 NOS D . -4.10 10.30 8.96
C8 NOS D . -3.94 10.36 10.34
C5' NOS D . -1.33 11.90 14.34
O5' NOS D . -0.62 13.14 14.35
C4' NOS D . -2.78 12.12 13.98
O4' NOS D . -2.89 12.21 12.56
C1' NOS D . -4.22 11.98 12.22
C2' NOS D . -4.72 10.91 13.19
O2' NOS D . -6.07 11.10 13.51
C3' NOS D . -3.74 11.01 14.38
O3' NOS D . -4.45 11.39 15.56
PA NAD E . -5.86 -20.22 -11.84
O1A NAD E . -5.15 -20.61 -10.57
O2A NAD E . -6.43 -21.08 -12.93
O5B NAD E . -7.30 -19.53 -11.09
C5B NAD E . -8.24 -19.20 -12.06
C4B NAD E . -9.59 -19.43 -11.38
O4B NAD E . -10.60 -18.64 -11.97
C3B NAD E . -9.94 -20.92 -11.64
O3B NAD E . -10.06 -21.47 -10.36
C2B NAD E . -11.28 -20.85 -12.37
O2B NAD E . -12.21 -21.74 -11.84
C1B NAD E . -11.77 -19.41 -11.96
N9A NAD E . -12.63 -18.84 -12.97
C8A NAD E . -12.51 -18.87 -14.38
N7A NAD E . -13.51 -18.23 -14.99
C5A NAD E . -14.32 -17.74 -13.93
C6A NAD E . -15.51 -16.98 -13.92
N6A NAD E . -16.05 -16.59 -15.09
N1A NAD E . -16.11 -16.64 -12.72
C2A NAD E . -15.48 -17.07 -11.58
N3A NAD E . -14.35 -17.80 -11.44
C4A NAD E . -13.78 -18.12 -12.66
O3 NAD E . -5.01 -18.95 -12.36
PN NAD E . -4.04 -18.16 -11.39
O1N NAD E . -2.59 -18.56 -11.32
O2N NAD E . -4.93 -17.62 -10.32
O5D NAD E . -3.81 -16.65 -12.27
C5D NAD E . -5.03 -16.17 -12.72
C4D NAD E . -4.78 -14.92 -13.62
O4D NAD E . -3.86 -13.99 -12.93
C3D NAD E . -4.04 -15.37 -14.93
O3D NAD E . -4.44 -14.49 -15.93
C2D NAD E . -2.56 -15.15 -14.54
O2D NAD E . -1.72 -14.92 -15.60
C1D NAD E . -2.73 -13.78 -13.77
N1N NAD E . -1.62 -13.53 -12.79
C2N NAD E . -1.41 -12.21 -12.44
C3N NAD E . -0.43 -11.91 -11.48
C7N NAD E . -0.20 -10.44 -11.19
O7N NAD E . 0.93 -10.03 -10.94
N7N NAD E . -1.32 -9.58 -11.23
C4N NAD E . 0.32 -12.95 -10.87
C5N NAD E . 0.09 -14.28 -11.24
C6N NAD E . -0.90 -14.59 -12.21
N9 NOS F . 4.84 -9.88 -12.05
C4 NOS F . 5.97 -9.10 -12.16
N3 NOS F . 6.95 -9.19 -13.10
C2 NOS F . 7.95 -8.30 -12.98
N1 NOS F . 8.02 -7.35 -11.99
C6 NOS F . 7.03 -7.27 -11.07
O6 NOS F . 7.12 -6.32 -10.11
C5 NOS F . 5.92 -8.16 -11.10
N7 NOS F . 4.73 -8.38 -10.33
C8 NOS F . 4.11 -9.44 -10.98
C5' NOS F . 1.41 -11.43 -14.78
O5' NOS F . 1.51 -10.91 -16.09
C4' NOS F . 2.77 -11.78 -14.24
O4' NOS F . 3.42 -10.59 -13.77
C1' NOS F . 4.47 -11.00 -12.93
C2' NOS F . 3.95 -12.22 -12.17
O2' NOS F . 4.97 -13.17 -11.95
C3' NOS F . 2.79 -12.74 -13.05
O3' NOS F . 3.09 -14.05 -13.51
#